data_8DQ3
#
_entry.id   8DQ3
#
_cell.length_a   52.213
_cell.length_b   156.540
_cell.length_c   80.722
_cell.angle_alpha   90.000
_cell.angle_beta   91.090
_cell.angle_gamma   90.000
#
_symmetry.space_group_name_H-M   'P 1 21 1'
#
loop_
_entity.id
_entity.type
_entity.pdbx_description
1 polymer 'Ribonucleoside-diphosphate reductase'
2 non-polymer 'MANGANESE (II) ION'
3 non-polymer 'MAGNESIUM ION'
4 non-polymer 1,2-ETHANEDIOL
5 non-polymer 'FORMIC ACID'
6 water water
#
_entity_poly.entity_id   1
_entity_poly.type   'polypeptide(L)'
_entity_poly.pdbx_seq_one_letter_code
;GSSHHHHHHSSGLVPRGSHMNATAKRSLFTPRFEIKPYEYPELLEFKDAIRHSYWLHTEFNFTGDIQDFRTHISDVERAV
ITKTMLAISQIEVSVKRFWGNLYNYFPKPEIEDVGGSFLESEIRHKDAYSFLLEKLGLNEMFRNVRQYKAIMARIEYMEA
FMRKKDVSQQDFVLSLVMFSLFVEHISLFSQFVIMMSFNKHKNLFKGISNAVEATSKEEEIHGRFGISLYHLLREEQPEL
FTDEFYAELKELAEQAFNAEKAILDWIFEDGELSFLSKATVENYIANRYNNSLVTLGLEPIYNISPAQLKETEWFDIEIL
STKETDFFNKRSTDYSKKMKQITADDLF
;
_entity_poly.pdbx_strand_id   A,B,C,D
#
loop_
_chem_comp.id
_chem_comp.type
_chem_comp.name
_chem_comp.formula
EDO non-polymer 1,2-ETHANEDIOL 'C2 H6 O2'
FMT non-polymer 'FORMIC ACID' 'C H2 O2'
MG non-polymer 'MAGNESIUM ION' 'Mg 2'
MN non-polymer 'MANGANESE (II) ION' 'Mn 2'
#
# COMPACT_ATOMS: atom_id res chain seq x y z
N ARG A 26 -9.81 42.99 -20.66
CA ARG A 26 -9.54 41.87 -19.77
C ARG A 26 -10.48 41.91 -18.57
N SER A 27 -11.20 40.83 -18.30
CA SER A 27 -12.11 40.80 -17.16
C SER A 27 -12.16 39.40 -16.55
N LEU A 28 -12.05 39.34 -15.23
CA LEU A 28 -12.05 38.05 -14.55
C LEU A 28 -13.38 37.33 -14.66
N PHE A 29 -14.48 38.08 -14.85
CA PHE A 29 -15.81 37.50 -14.96
C PHE A 29 -16.12 36.92 -16.33
N THR A 30 -15.30 37.19 -17.35
CA THR A 30 -15.60 36.78 -18.72
C THR A 30 -15.06 35.38 -18.98
N PRO A 31 -15.90 34.42 -19.35
CA PRO A 31 -15.38 33.07 -19.63
C PRO A 31 -14.40 33.09 -20.78
N ARG A 32 -13.40 32.22 -20.68
CA ARG A 32 -12.48 31.98 -21.79
C ARG A 32 -12.34 30.47 -21.98
N PHE A 33 -12.51 30.02 -23.22
CA PHE A 33 -12.44 28.59 -23.52
C PHE A 33 -11.00 28.13 -23.74
N GLU A 34 -10.22 28.88 -24.50
CA GLU A 34 -8.88 28.46 -24.88
C GLU A 34 -7.92 28.56 -23.69
N ILE A 35 -7.10 27.53 -23.50
CA ILE A 35 -6.14 27.55 -22.39
C ILE A 35 -5.10 28.63 -22.61
N LYS A 36 -4.35 28.55 -23.74
CA LYS A 36 -3.29 29.49 -24.10
C LYS A 36 -3.70 30.38 -25.27
N PRO A 37 -3.23 31.64 -25.29
CA PRO A 37 -2.43 32.26 -24.23
C PRO A 37 -3.23 32.64 -22.98
N TYR A 38 -2.59 32.57 -21.83
CA TYR A 38 -3.23 33.00 -20.59
C TYR A 38 -3.41 34.51 -20.59
N GLU A 39 -4.58 34.96 -20.11
CA GLU A 39 -4.82 36.40 -19.90
C GLU A 39 -4.15 36.90 -18.64
N TYR A 40 -4.07 36.06 -17.61
CA TYR A 40 -3.45 36.41 -16.32
C TYR A 40 -2.33 35.43 -16.00
N PRO A 41 -1.28 35.38 -16.81
CA PRO A 41 -0.19 34.41 -16.56
C PRO A 41 0.44 34.60 -15.19
N GLU A 42 0.40 35.81 -14.63
CA GLU A 42 1.06 36.01 -13.34
C GLU A 42 0.38 35.22 -12.23
N LEU A 43 -0.91 34.90 -12.39
CA LEU A 43 -1.59 34.15 -11.35
C LEU A 43 -1.11 32.71 -11.27
N LEU A 44 -0.51 32.18 -12.34
CA LEU A 44 -0.02 30.81 -12.28
C LEU A 44 1.10 30.64 -11.27
N GLU A 45 1.76 31.73 -10.85
CA GLU A 45 2.77 31.61 -9.81
C GLU A 45 2.19 31.04 -8.51
N PHE A 46 0.89 31.23 -8.27
CA PHE A 46 0.30 30.66 -7.07
C PHE A 46 0.14 29.15 -7.19
N LYS A 47 -0.08 28.64 -8.40
CA LYS A 47 -0.04 27.20 -8.60
C LYS A 47 1.38 26.66 -8.38
N ASP A 48 2.39 27.31 -8.98
CA ASP A 48 3.77 26.92 -8.72
C ASP A 48 4.08 26.90 -7.23
N ALA A 49 3.59 27.92 -6.51
CA ALA A 49 3.91 28.04 -5.10
C ALA A 49 3.32 26.90 -4.29
N ILE A 50 2.06 26.53 -4.58
CA ILE A 50 1.40 25.50 -3.80
C ILE A 50 1.92 24.11 -4.17
N ARG A 51 2.45 23.94 -5.40
CA ARG A 51 3.14 22.69 -5.69
C ARG A 51 4.43 22.59 -4.89
N HIS A 52 5.15 23.70 -4.75
CA HIS A 52 6.39 23.70 -3.97
CA HIS A 52 6.38 23.68 -3.98
C HIS A 52 6.13 23.43 -2.50
N SER A 53 4.98 23.88 -1.98
CA SER A 53 4.66 23.74 -0.56
C SER A 53 4.00 22.41 -0.22
N TYR A 54 3.69 21.58 -1.21
CA TYR A 54 2.96 20.33 -1.01
C TYR A 54 3.57 19.50 0.11
N TRP A 55 2.71 18.99 0.99
CA TRP A 55 3.13 18.15 2.10
C TRP A 55 1.98 17.26 2.53
N LEU A 56 2.32 16.14 3.16
CA LEU A 56 1.33 15.26 3.78
C LEU A 56 1.75 15.00 5.23
N HIS A 57 0.77 14.81 6.11
CA HIS A 57 1.14 14.66 7.52
C HIS A 57 1.95 13.39 7.75
N THR A 58 1.86 12.42 6.86
CA THR A 58 2.68 11.21 6.96
C THR A 58 4.16 11.48 6.75
N GLU A 59 4.56 12.70 6.38
CA GLU A 59 5.98 13.04 6.34
C GLU A 59 6.57 13.24 7.73
N PHE A 60 5.74 13.31 8.76
CA PHE A 60 6.18 13.62 10.10
C PHE A 60 5.84 12.48 11.06
N ASN A 61 6.67 12.34 12.08
CA ASN A 61 6.41 11.42 13.19
C ASN A 61 5.82 12.22 14.35
N PHE A 62 4.59 11.91 14.72
CA PHE A 62 3.93 12.60 15.82
C PHE A 62 4.03 11.84 17.13
N THR A 63 4.73 10.70 17.17
CA THR A 63 4.79 9.92 18.41
C THR A 63 5.38 10.75 19.55
N GLY A 64 6.44 11.51 19.27
CA GLY A 64 7.02 12.36 20.29
C GLY A 64 6.04 13.38 20.83
N ASP A 65 5.19 13.92 19.94
CA ASP A 65 4.19 14.90 20.33
C ASP A 65 3.14 14.30 21.25
N ILE A 66 2.68 13.08 20.95
CA ILE A 66 1.70 12.43 21.79
C ILE A 66 2.29 12.19 23.18
N GLN A 67 3.53 11.69 23.22
CA GLN A 67 4.21 11.53 24.51
C GLN A 67 4.35 12.87 25.23
N ASP A 68 4.72 13.94 24.50
CA ASP A 68 4.80 15.26 25.11
C ASP A 68 3.48 15.65 25.74
N PHE A 69 2.38 15.45 25.01
CA PHE A 69 1.05 15.80 25.49
C PHE A 69 0.70 15.04 26.76
N ARG A 70 1.14 13.78 26.87
CA ARG A 70 0.79 12.97 28.02
C ARG A 70 1.68 13.23 29.23
N THR A 71 2.97 13.52 29.02
CA THR A 71 3.94 13.41 30.10
C THR A 71 4.89 14.59 30.28
N HIS A 72 5.01 15.49 29.31
CA HIS A 72 6.04 16.51 29.36
C HIS A 72 5.49 17.93 29.53
N ILE A 73 4.18 18.08 29.78
CA ILE A 73 3.60 19.41 29.89
C ILE A 73 2.77 19.52 31.15
N SER A 74 2.56 20.77 31.57
CA SER A 74 1.70 21.10 32.70
C SER A 74 0.22 21.01 32.31
N ASP A 75 -0.64 20.96 33.34
CA ASP A 75 -2.07 21.01 33.09
C ASP A 75 -2.48 22.29 32.39
N VAL A 76 -1.82 23.41 32.71
CA VAL A 76 -2.09 24.67 32.03
C VAL A 76 -1.74 24.55 30.54
N GLU A 77 -0.55 24.02 30.25
CA GLU A 77 -0.14 23.85 28.85
C GLU A 77 -1.06 22.89 28.10
N ARG A 78 -1.50 21.82 28.77
CA ARG A 78 -2.40 20.86 28.12
C ARG A 78 -3.72 21.51 27.75
N ALA A 79 -4.25 22.38 28.60
CA ALA A 79 -5.48 23.08 28.26
C ALA A 79 -5.28 24.01 27.06
N VAL A 80 -4.14 24.71 27.02
CA VAL A 80 -3.86 25.59 25.89
C VAL A 80 -3.79 24.77 24.60
N ILE A 81 -3.03 23.66 24.61
CA ILE A 81 -2.87 22.88 23.39
C ILE A 81 -4.20 22.25 22.97
N THR A 82 -4.98 21.75 23.94
CA THR A 82 -6.26 21.14 23.61
C THR A 82 -7.14 22.13 22.86
N LYS A 83 -7.34 23.31 23.43
CA LYS A 83 -8.23 24.28 22.80
C LYS A 83 -7.64 24.85 21.51
N THR A 84 -6.32 25.01 21.44
CA THR A 84 -5.70 25.52 20.23
C THR A 84 -5.87 24.52 19.09
N MET A 85 -5.67 23.23 19.36
CA MET A 85 -5.87 22.21 18.32
C MET A 85 -7.33 22.08 17.95
N LEU A 86 -8.25 22.21 18.91
CA LEU A 86 -9.67 22.23 18.58
C LEU A 86 -10.00 23.40 17.67
N ALA A 87 -9.41 24.57 17.95
CA ALA A 87 -9.70 25.76 17.16
C ALA A 87 -9.15 25.64 15.75
N ILE A 88 -7.92 25.15 15.59
CA ILE A 88 -7.39 24.91 14.24
C ILE A 88 -8.30 23.94 13.49
N SER A 89 -8.69 22.86 14.17
CA SER A 89 -9.46 21.82 13.51
C SER A 89 -10.86 22.29 13.15
N GLN A 90 -11.41 23.25 13.90
CA GLN A 90 -12.76 23.69 13.59
C GLN A 90 -12.80 24.32 12.20
N ILE A 91 -11.72 24.93 11.75
CA ILE A 91 -11.61 25.39 10.36
C ILE A 91 -11.06 24.29 9.44
N GLU A 92 -9.97 23.62 9.85
CA GLU A 92 -9.27 22.75 8.90
C GLU A 92 -9.99 21.42 8.69
N VAL A 93 -10.69 20.90 9.69
CA VAL A 93 -11.38 19.60 9.57
C VAL A 93 -12.81 19.93 9.15
N SER A 94 -12.96 20.20 7.87
CA SER A 94 -14.24 20.59 7.28
C SER A 94 -14.15 20.36 5.78
N VAL A 95 -15.30 20.49 5.13
CA VAL A 95 -15.35 20.47 3.66
C VAL A 95 -15.17 21.90 3.19
N LYS A 96 -14.11 22.16 2.45
CA LYS A 96 -13.66 23.51 2.07
C LYS A 96 -13.63 23.58 0.56
N ARG A 97 -14.69 24.14 -0.03
CA ARG A 97 -14.80 24.12 -1.49
C ARG A 97 -14.70 25.49 -2.13
N PHE A 98 -14.44 26.55 -1.36
CA PHE A 98 -14.47 27.89 -1.94
C PHE A 98 -13.48 28.02 -3.09
N TRP A 99 -12.23 27.60 -2.88
CA TRP A 99 -11.23 27.80 -3.94
C TRP A 99 -11.54 26.93 -5.15
N GLY A 100 -12.07 25.73 -4.93
CA GLY A 100 -12.43 24.88 -6.06
C GLY A 100 -13.57 25.44 -6.88
N ASN A 101 -14.46 26.21 -6.24
CA ASN A 101 -15.63 26.78 -6.91
C ASN A 101 -15.35 28.15 -7.53
N LEU A 102 -14.16 28.71 -7.33
CA LEU A 102 -13.88 30.07 -7.79
C LEU A 102 -14.10 30.19 -9.29
N TYR A 103 -13.76 29.14 -10.05
CA TYR A 103 -13.93 29.13 -11.50
C TYR A 103 -15.38 29.41 -11.91
N ASN A 104 -16.35 29.03 -11.07
CA ASN A 104 -17.75 29.29 -11.41
C ASN A 104 -18.02 30.79 -11.53
N TYR A 105 -17.26 31.61 -10.82
CA TYR A 105 -17.41 33.06 -10.84
C TYR A 105 -16.42 33.74 -11.78
N PHE A 106 -15.17 33.27 -11.81
CA PHE A 106 -14.12 33.76 -12.69
C PHE A 106 -13.73 32.62 -13.63
N PRO A 107 -14.46 32.41 -14.74
CA PRO A 107 -14.28 31.17 -15.53
C PRO A 107 -13.09 31.23 -16.49
N LYS A 108 -11.90 31.29 -15.91
CA LYS A 108 -10.61 31.33 -16.57
C LYS A 108 -9.84 30.05 -16.30
N PRO A 109 -9.22 29.45 -17.32
CA PRO A 109 -8.36 28.28 -17.07
C PRO A 109 -7.34 28.50 -15.96
N GLU A 110 -6.70 29.68 -15.92
CA GLU A 110 -5.69 29.90 -14.90
C GLU A 110 -6.31 30.02 -13.50
N ILE A 111 -7.56 30.46 -13.41
CA ILE A 111 -8.25 30.46 -12.11
C ILE A 111 -8.50 29.04 -11.63
N GLU A 112 -8.99 28.17 -12.53
CA GLU A 112 -9.17 26.77 -12.17
C GLU A 112 -7.85 26.11 -11.79
N ASP A 113 -6.77 26.42 -12.53
CA ASP A 113 -5.44 25.89 -12.17
C ASP A 113 -5.10 26.20 -10.73
N VAL A 114 -5.27 27.46 -10.31
CA VAL A 114 -4.91 27.83 -8.95
C VAL A 114 -5.95 27.30 -7.95
N GLY A 115 -7.23 27.55 -8.23
CA GLY A 115 -8.28 27.18 -7.29
C GLY A 115 -8.35 25.67 -7.05
N GLY A 116 -8.23 24.88 -8.11
CA GLY A 116 -8.23 23.44 -7.94
C GLY A 116 -7.03 22.93 -7.18
N SER A 117 -5.86 23.54 -7.40
CA SER A 117 -4.69 23.15 -6.63
C SER A 117 -4.84 23.56 -5.17
N PHE A 118 -5.44 24.72 -4.92
CA PHE A 118 -5.69 25.14 -3.53
C PHE A 118 -6.68 24.20 -2.85
N LEU A 119 -7.73 23.78 -3.55
CA LEU A 119 -8.69 22.90 -2.92
C LEU A 119 -8.02 21.61 -2.49
N GLU A 120 -7.14 21.07 -3.34
CA GLU A 120 -6.45 19.84 -2.97
C GLU A 120 -5.59 20.07 -1.73
N SER A 121 -4.94 21.24 -1.63
CA SER A 121 -4.13 21.51 -0.45
C SER A 121 -5.01 21.50 0.81
N GLU A 122 -6.26 21.94 0.71
CA GLU A 122 -7.14 21.92 1.88
C GLU A 122 -7.55 20.51 2.27
N ILE A 123 -7.64 19.60 1.29
CA ILE A 123 -7.87 18.20 1.64
C ILE A 123 -6.70 17.67 2.46
N ARG A 124 -5.47 18.01 2.04
CA ARG A 124 -4.29 17.59 2.80
C ARG A 124 -4.29 18.17 4.20
N HIS A 125 -4.70 19.43 4.35
CA HIS A 125 -4.80 20.02 5.68
C HIS A 125 -5.82 19.27 6.54
N LYS A 126 -6.99 19.01 5.97
CA LYS A 126 -8.03 18.31 6.70
C LYS A 126 -7.52 16.97 7.23
N ASP A 127 -6.80 16.24 6.38
CA ASP A 127 -6.32 14.93 6.79
C ASP A 127 -5.32 15.05 7.92
N ALA A 128 -4.45 16.08 7.88
CA ALA A 128 -3.45 16.24 8.93
C ALA A 128 -4.10 16.51 10.28
N TYR A 129 -5.06 17.43 10.33
CA TYR A 129 -5.63 17.79 11.63
C TYR A 129 -6.64 16.77 12.10
N SER A 130 -7.30 16.06 11.18
CA SER A 130 -8.14 14.92 11.57
C SER A 130 -7.30 13.85 12.25
N PHE A 131 -6.12 13.57 11.68
CA PHE A 131 -5.20 12.61 12.28
C PHE A 131 -4.75 13.05 13.67
N LEU A 132 -4.44 14.35 13.83
CA LEU A 132 -3.96 14.82 15.13
C LEU A 132 -5.07 14.83 16.17
N LEU A 133 -6.30 15.16 15.79
CA LEU A 133 -7.42 15.03 16.72
C LEU A 133 -7.51 13.60 17.25
N GLU A 134 -7.39 12.62 16.37
CA GLU A 134 -7.48 11.22 16.81
C GLU A 134 -6.31 10.84 17.71
N LYS A 135 -5.09 11.27 17.34
CA LYS A 135 -3.92 10.85 18.10
C LYS A 135 -3.84 11.52 19.45
N LEU A 136 -4.38 12.72 19.58
CA LEU A 136 -4.41 13.42 20.87
C LEU A 136 -5.66 13.09 21.68
N GLY A 137 -6.51 12.19 21.20
CA GLY A 137 -7.70 11.79 21.95
C GLY A 137 -8.77 12.86 22.01
N LEU A 138 -8.88 13.69 20.98
CA LEU A 138 -9.76 14.86 21.01
C LEU A 138 -11.00 14.69 20.16
N ASN A 139 -11.27 13.48 19.65
CA ASN A 139 -12.40 13.27 18.75
C ASN A 139 -13.71 13.65 19.41
N GLU A 140 -13.95 13.20 20.64
CA GLU A 140 -15.23 13.51 21.28
C GLU A 140 -15.35 14.99 21.61
N MET A 141 -14.28 15.61 22.09
CA MET A 141 -14.31 17.05 22.31
C MET A 141 -14.63 17.78 21.01
N PHE A 142 -14.06 17.33 19.89
CA PHE A 142 -14.27 18.01 18.62
C PHE A 142 -15.72 17.85 18.15
N ARG A 143 -16.31 16.67 18.39
CA ARG A 143 -17.71 16.48 18.02
C ARG A 143 -18.61 17.51 18.69
N ASN A 144 -18.21 18.00 19.87
CA ASN A 144 -19.01 18.96 20.64
C ASN A 144 -18.42 20.37 20.58
N VAL A 145 -17.61 20.69 19.57
CA VAL A 145 -16.87 21.95 19.59
C VAL A 145 -17.81 23.15 19.49
N ARG A 146 -19.02 22.97 18.99
CA ARG A 146 -19.95 24.10 18.93
C ARG A 146 -20.49 24.52 20.29
N GLN A 147 -20.25 23.75 21.34
CA GLN A 147 -20.69 24.19 22.67
C GLN A 147 -19.94 25.42 23.14
N TYR A 148 -18.76 25.69 22.58
CA TYR A 148 -17.92 26.77 23.08
C TYR A 148 -18.37 28.08 22.47
N LYS A 149 -18.61 29.07 23.34
CA LYS A 149 -19.13 30.36 22.90
C LYS A 149 -18.21 31.00 21.88
N ALA A 150 -16.89 30.93 22.10
CA ALA A 150 -15.96 31.58 21.17
C ALA A 150 -15.99 30.91 19.80
N ILE A 151 -16.16 29.59 19.78
CA ILE A 151 -16.29 28.89 18.51
C ILE A 151 -17.56 29.33 17.81
N MET A 152 -18.66 29.49 18.55
CA MET A 152 -19.89 29.94 17.92
C MET A 152 -19.73 31.34 17.34
N ALA A 153 -18.96 32.20 18.01
CA ALA A 153 -18.70 33.54 17.48
C ALA A 153 -17.97 33.46 16.14
N ARG A 154 -17.04 32.52 16.01
CA ARG A 154 -16.32 32.35 14.75
C ARG A 154 -17.22 31.80 13.67
N ILE A 155 -18.00 30.76 13.99
CA ILE A 155 -18.97 30.24 13.01
C ILE A 155 -19.88 31.34 12.51
N GLU A 156 -20.30 32.22 13.42
CA GLU A 156 -21.23 33.28 13.02
C GLU A 156 -20.59 34.24 12.02
N TYR A 157 -19.33 34.64 12.23
CA TYR A 157 -18.76 35.58 11.26
C TYR A 157 -18.39 34.88 9.96
N MET A 158 -17.99 33.61 10.02
CA MET A 158 -17.67 32.91 8.79
C MET A 158 -18.91 32.71 7.94
N GLU A 159 -20.05 32.44 8.58
CA GLU A 159 -21.31 32.38 7.86
C GLU A 159 -21.69 33.75 7.31
N ALA A 160 -21.49 34.81 8.11
CA ALA A 160 -21.77 36.17 7.63
C ALA A 160 -20.93 36.51 6.41
N PHE A 161 -19.66 36.08 6.40
CA PHE A 161 -18.76 36.37 5.28
C PHE A 161 -19.32 35.85 3.96
N MET A 162 -19.99 34.68 4.01
CA MET A 162 -20.38 33.92 2.82
C MET A 162 -21.85 33.99 2.44
N ARG A 163 -22.73 34.47 3.33
CA ARG A 163 -24.14 34.10 3.14
C ARG A 163 -24.75 34.74 1.90
N LYS A 164 -24.21 35.88 1.45
CA LYS A 164 -24.74 36.57 0.28
C LYS A 164 -23.89 36.37 -0.96
N LYS A 165 -22.94 35.42 -0.96
CA LYS A 165 -21.96 35.37 -2.04
C LYS A 165 -22.59 35.12 -3.40
N ASP A 166 -23.80 34.57 -3.47
CA ASP A 166 -24.43 34.29 -4.75
C ASP A 166 -25.53 35.28 -5.09
N VAL A 167 -25.64 36.38 -4.36
CA VAL A 167 -26.71 37.35 -4.62
C VAL A 167 -26.32 38.30 -5.75
N SER A 168 -25.05 38.67 -5.85
CA SER A 168 -24.62 39.64 -6.84
C SER A 168 -23.11 39.55 -7.01
N GLN A 169 -22.61 40.13 -8.10
CA GLN A 169 -21.16 40.20 -8.29
C GLN A 169 -20.50 40.94 -7.13
N GLN A 170 -21.09 42.05 -6.70
CA GLN A 170 -20.51 42.83 -5.61
C GLN A 170 -20.47 42.03 -4.31
N ASP A 171 -21.53 41.27 -4.02
CA ASP A 171 -21.56 40.44 -2.82
C ASP A 171 -20.53 39.31 -2.91
N PHE A 172 -20.38 38.71 -4.09
CA PHE A 172 -19.38 37.66 -4.22
C PHE A 172 -17.98 38.21 -3.95
N VAL A 173 -17.67 39.37 -4.52
CA VAL A 173 -16.34 39.93 -4.35
C VAL A 173 -16.10 40.30 -2.88
N LEU A 174 -17.12 40.78 -2.19
CA LEU A 174 -16.97 41.02 -0.76
C LEU A 174 -16.66 39.72 -0.02
N SER A 175 -17.38 38.63 -0.34
CA SER A 175 -17.09 37.34 0.28
C SER A 175 -15.67 36.89 -0.03
N LEU A 176 -15.24 37.05 -1.29
CA LEU A 176 -13.88 36.68 -1.68
C LEU A 176 -12.85 37.48 -0.88
N VAL A 177 -13.09 38.78 -0.71
CA VAL A 177 -12.13 39.62 0.00
C VAL A 177 -12.08 39.25 1.48
N MET A 178 -13.25 39.03 2.10
CA MET A 178 -13.26 38.67 3.52
C MET A 178 -12.62 37.31 3.73
N PHE A 179 -12.92 36.35 2.86
CA PHE A 179 -12.33 35.03 3.00
C PHE A 179 -10.82 35.10 2.84
N SER A 180 -10.35 35.86 1.84
CA SER A 180 -8.92 35.91 1.54
C SER A 180 -8.16 36.65 2.64
N LEU A 181 -8.57 37.87 2.94
CA LEU A 181 -7.75 38.73 3.76
C LEU A 181 -7.96 38.47 5.24
N PHE A 182 -9.03 37.78 5.62
CA PHE A 182 -9.23 37.50 7.03
CA PHE A 182 -9.23 37.49 7.04
C PHE A 182 -9.24 36.00 7.35
N VAL A 183 -10.07 35.20 6.68
CA VAL A 183 -10.09 33.79 7.04
C VAL A 183 -8.74 33.15 6.73
N GLU A 184 -8.23 33.33 5.52
CA GLU A 184 -6.97 32.69 5.14
C GLU A 184 -5.75 33.34 5.79
N HIS A 185 -5.75 34.66 5.96
CA HIS A 185 -4.55 35.32 6.49
C HIS A 185 -4.59 35.61 7.98
N ILE A 186 -5.73 35.49 8.65
CA ILE A 186 -5.77 35.87 10.06
C ILE A 186 -6.31 34.77 10.96
N SER A 187 -7.40 34.09 10.55
CA SER A 187 -8.21 33.29 11.47
C SER A 187 -7.39 32.28 12.25
N LEU A 188 -6.52 31.55 11.58
CA LEU A 188 -5.80 30.47 12.24
C LEU A 188 -4.46 30.89 12.80
N PHE A 189 -4.00 32.11 12.49
CA PHE A 189 -2.59 32.41 12.72
C PHE A 189 -2.25 32.59 14.20
N SER A 190 -3.19 33.05 15.03
CA SER A 190 -2.93 33.03 16.47
C SER A 190 -2.65 31.61 16.96
N GLN A 191 -3.38 30.63 16.40
CA GLN A 191 -3.20 29.25 16.83
C GLN A 191 -1.89 28.69 16.29
N PHE A 192 -1.53 29.06 15.07
CA PHE A 192 -0.26 28.61 14.50
C PHE A 192 0.91 29.12 15.35
N VAL A 193 0.88 30.39 15.76
CA VAL A 193 1.94 30.96 16.59
C VAL A 193 2.04 30.21 17.92
N ILE A 194 0.88 29.91 18.53
CA ILE A 194 0.87 29.20 19.81
C ILE A 194 1.52 27.83 19.66
N MET A 195 1.12 27.05 18.65
CA MET A 195 1.63 25.69 18.55
C MET A 195 3.14 25.69 18.26
N MET A 196 3.58 26.53 17.33
CA MET A 196 5.01 26.54 17.01
C MET A 196 5.86 27.10 18.15
N SER A 197 5.25 27.85 19.07
CA SER A 197 6.01 28.41 20.18
C SER A 197 6.48 27.34 21.15
N PHE A 198 5.75 26.22 21.27
CA PHE A 198 6.21 25.14 22.14
C PHE A 198 7.53 24.57 21.66
N ASN A 199 7.72 24.43 20.35
CA ASN A 199 9.00 23.95 19.83
C ASN A 199 10.07 25.01 19.96
N LYS A 200 9.73 26.26 19.62
CA LYS A 200 10.71 27.35 19.66
C LYS A 200 11.31 27.52 21.06
N HIS A 201 10.47 27.47 22.09
CA HIS A 201 10.92 27.81 23.43
C HIS A 201 11.22 26.60 24.31
N LYS A 202 10.65 25.44 24.02
CA LYS A 202 10.83 24.28 24.89
C LYS A 202 11.22 23.01 24.15
N ASN A 203 11.38 23.06 22.82
CA ASN A 203 11.74 21.88 22.02
C ASN A 203 10.72 20.76 22.17
N LEU A 204 9.46 21.12 22.43
CA LEU A 204 8.37 20.16 22.52
C LEU A 204 7.51 20.27 21.26
N PHE A 205 6.75 19.21 21.01
CA PHE A 205 5.81 19.16 19.89
C PHE A 205 6.47 19.49 18.55
N LYS A 206 7.57 18.79 18.27
CA LYS A 206 8.30 19.06 17.04
C LYS A 206 7.48 18.64 15.82
N GLY A 207 6.77 17.51 15.91
CA GLY A 207 5.97 17.05 14.78
C GLY A 207 4.86 18.02 14.44
N ILE A 208 4.08 18.43 15.44
CA ILE A 208 3.00 19.37 15.19
C ILE A 208 3.57 20.71 14.73
N SER A 209 4.72 21.11 15.28
CA SER A 209 5.37 22.34 14.81
C SER A 209 5.63 22.28 13.31
N ASN A 210 6.18 21.16 12.83
CA ASN A 210 6.43 21.00 11.41
C ASN A 210 5.13 21.04 10.61
N ALA A 211 4.09 20.36 11.09
CA ALA A 211 2.82 20.36 10.36
C ALA A 211 2.20 21.75 10.35
N VAL A 212 2.23 22.45 11.48
CA VAL A 212 1.68 23.79 11.52
C VAL A 212 2.48 24.74 10.63
N GLU A 213 3.81 24.60 10.62
CA GLU A 213 4.64 25.43 9.75
C GLU A 213 4.25 25.23 8.28
N ALA A 214 4.06 23.97 7.88
CA ALA A 214 3.69 23.67 6.51
C ALA A 214 2.30 24.19 6.19
N THR A 215 1.37 24.09 7.16
CA THR A 215 0.02 24.63 6.97
C THR A 215 0.09 26.14 6.82
N SER A 216 0.86 26.81 7.70
CA SER A 216 0.98 28.26 7.68
C SER A 216 1.47 28.75 6.32
N LYS A 217 2.47 28.06 5.76
CA LYS A 217 3.01 28.47 4.48
C LYS A 217 1.96 28.41 3.39
N GLU A 218 1.12 27.37 3.40
CA GLU A 218 0.07 27.27 2.39
C GLU A 218 -1.05 28.26 2.62
N GLU A 219 -1.42 28.54 3.87
CA GLU A 219 -2.44 29.57 4.09
C GLU A 219 -1.94 30.94 3.68
N GLU A 220 -0.63 31.21 3.87
CA GLU A 220 -0.08 32.46 3.36
C GLU A 220 -0.25 32.56 1.86
N ILE A 221 0.01 31.47 1.13
CA ILE A 221 -0.16 31.46 -0.32
C ILE A 221 -1.62 31.69 -0.68
N HIS A 222 -2.54 31.02 0.02
CA HIS A 222 -3.96 31.17 -0.26
C HIS A 222 -4.41 32.62 -0.12
N GLY A 223 -4.05 33.26 0.99
CA GLY A 223 -4.46 34.65 1.18
C GLY A 223 -3.82 35.57 0.16
N ARG A 224 -2.57 35.30 -0.22
CA ARG A 224 -1.89 36.19 -1.16
C ARG A 224 -2.54 36.15 -2.53
N PHE A 225 -3.04 34.97 -2.93
CA PHE A 225 -3.82 34.87 -4.17
C PHE A 225 -5.03 35.79 -4.12
N GLY A 226 -5.77 35.78 -3.00
CA GLY A 226 -6.93 36.64 -2.88
C GLY A 226 -6.57 38.12 -2.95
N ILE A 227 -5.42 38.48 -2.37
CA ILE A 227 -4.95 39.87 -2.46
C ILE A 227 -4.70 40.23 -3.92
N SER A 228 -4.05 39.34 -4.67
CA SER A 228 -3.81 39.60 -6.08
C SER A 228 -5.12 39.80 -6.84
N LEU A 229 -6.12 38.97 -6.53
CA LEU A 229 -7.42 39.11 -7.18
C LEU A 229 -8.06 40.45 -6.82
N TYR A 230 -7.96 40.85 -5.54
CA TYR A 230 -8.48 42.15 -5.11
C TYR A 230 -7.89 43.27 -5.95
N HIS A 231 -6.56 43.29 -6.10
CA HIS A 231 -5.95 44.37 -6.87
C HIS A 231 -6.41 44.36 -8.31
N LEU A 232 -6.54 43.17 -8.91
CA LEU A 232 -7.06 43.11 -10.27
C LEU A 232 -8.50 43.61 -10.34
N LEU A 233 -9.35 43.20 -9.41
CA LEU A 233 -10.75 43.62 -9.43
C LEU A 233 -10.89 45.11 -9.19
N ARG A 234 -10.06 45.67 -8.31
CA ARG A 234 -10.09 47.12 -8.08
C ARG A 234 -9.91 47.88 -9.39
N GLU A 235 -9.02 47.40 -10.25
CA GLU A 235 -8.73 48.07 -11.52
C GLU A 235 -9.78 47.76 -12.58
N GLU A 236 -10.22 46.50 -12.67
CA GLU A 236 -11.17 46.08 -13.72
C GLU A 236 -12.60 46.48 -13.41
N GLN A 237 -12.97 46.46 -12.14
CA GLN A 237 -14.36 46.57 -11.72
C GLN A 237 -14.51 47.57 -10.58
N PRO A 238 -14.06 48.82 -10.78
CA PRO A 238 -14.12 49.79 -9.66
C PRO A 238 -15.53 50.09 -9.19
N GLU A 239 -16.53 49.87 -10.04
CA GLU A 239 -17.92 50.12 -9.66
C GLU A 239 -18.37 49.23 -8.50
N LEU A 240 -17.67 48.12 -8.25
CA LEU A 240 -18.01 47.26 -7.13
C LEU A 240 -17.58 47.86 -5.78
N PHE A 241 -16.54 48.69 -5.79
CA PHE A 241 -15.86 49.08 -4.55
C PHE A 241 -16.35 50.45 -4.09
N THR A 242 -17.63 50.45 -3.71
CA THR A 242 -18.35 51.64 -3.29
C THR A 242 -18.07 51.95 -1.83
N ASP A 243 -18.50 53.15 -1.40
CA ASP A 243 -18.44 53.48 0.02
C ASP A 243 -19.17 52.43 0.85
N GLU A 244 -20.29 51.93 0.33
CA GLU A 244 -21.08 50.95 1.07
C GLU A 244 -20.36 49.61 1.15
N PHE A 245 -19.67 49.23 0.07
CA PHE A 245 -18.83 48.02 0.10
C PHE A 245 -17.83 48.08 1.25
N TYR A 246 -17.10 49.19 1.34
CA TYR A 246 -16.07 49.29 2.38
C TYR A 246 -16.67 49.41 3.76
N ALA A 247 -17.84 50.03 3.89
CA ALA A 247 -18.49 50.09 5.20
C ALA A 247 -18.87 48.70 5.68
N GLU A 248 -19.39 47.87 4.77
CA GLU A 248 -19.77 46.51 5.14
C GLU A 248 -18.54 45.68 5.41
N LEU A 249 -17.49 45.87 4.61
CA LEU A 249 -16.24 45.18 4.86
C LEU A 249 -15.72 45.46 6.26
N LYS A 250 -15.66 46.74 6.63
CA LYS A 250 -15.15 47.10 7.94
C LYS A 250 -15.99 46.48 9.06
N GLU A 251 -17.31 46.45 8.89
CA GLU A 251 -18.17 45.86 9.90
C GLU A 251 -17.89 44.36 10.05
N LEU A 252 -17.77 43.67 8.93
CA LEU A 252 -17.49 42.23 8.99
C LEU A 252 -16.08 41.95 9.52
N ALA A 253 -15.09 42.78 9.13
CA ALA A 253 -13.74 42.56 9.61
C ALA A 253 -13.66 42.75 11.13
N GLU A 254 -14.38 43.74 11.65
CA GLU A 254 -14.42 43.96 13.10
C GLU A 254 -15.09 42.81 13.82
N GLN A 255 -16.21 42.32 13.27
CA GLN A 255 -16.89 41.17 13.87
C GLN A 255 -15.94 39.98 13.92
N ALA A 256 -15.20 39.77 12.83
CA ALA A 256 -14.28 38.64 12.77
C ALA A 256 -13.13 38.81 13.75
N PHE A 257 -12.55 40.01 13.83
CA PHE A 257 -11.43 40.17 14.76
C PHE A 257 -11.88 40.02 16.20
N ASN A 258 -13.06 40.54 16.54
CA ASN A 258 -13.59 40.35 17.90
C ASN A 258 -13.75 38.88 18.22
N ALA A 259 -14.19 38.08 17.24
CA ALA A 259 -14.38 36.66 17.48
C ALA A 259 -13.04 35.96 17.66
N GLU A 260 -12.02 36.36 16.89
CA GLU A 260 -10.72 35.73 17.08
C GLU A 260 -10.08 36.17 18.40
N LYS A 261 -10.37 37.38 18.87
CA LYS A 261 -9.94 37.73 20.22
C LYS A 261 -10.64 36.86 21.26
N ALA A 262 -11.91 36.54 21.05
CA ALA A 262 -12.63 35.64 21.95
C ALA A 262 -12.04 34.24 21.92
N ILE A 263 -11.64 33.77 20.73
CA ILE A 263 -10.97 32.47 20.65
C ILE A 263 -9.69 32.47 21.49
N LEU A 264 -8.90 33.55 21.41
CA LEU A 264 -7.70 33.65 22.23
C LEU A 264 -8.03 33.70 23.72
N ASP A 265 -9.04 34.49 24.10
CA ASP A 265 -9.47 34.48 25.50
C ASP A 265 -9.81 33.07 25.97
N TRP A 266 -10.52 32.31 25.15
CA TRP A 266 -10.90 30.95 25.50
C TRP A 266 -9.69 30.03 25.59
N ILE A 267 -8.75 30.12 24.63
CA ILE A 267 -7.58 29.25 24.65
C ILE A 267 -6.78 29.40 25.94
N PHE A 268 -6.70 30.64 26.46
CA PHE A 268 -5.88 30.92 27.63
C PHE A 268 -6.68 31.09 28.91
N GLU A 269 -7.95 30.71 28.91
CA GLU A 269 -8.77 31.05 30.09
C GLU A 269 -8.44 30.22 31.32
N ASP A 270 -7.70 29.11 31.17
CA ASP A 270 -7.23 28.36 32.33
C ASP A 270 -5.79 28.69 32.70
N GLY A 271 -5.22 29.72 32.11
CA GLY A 271 -3.86 30.14 32.43
C GLY A 271 -3.03 30.35 31.19
N GLU A 272 -2.12 31.32 31.27
CA GLU A 272 -1.24 31.62 30.15
C GLU A 272 0.06 30.84 30.25
N LEU A 273 0.79 30.81 29.13
CA LEU A 273 2.04 30.09 29.05
C LEU A 273 3.18 30.92 29.65
N SER A 274 4.16 30.24 30.25
CA SER A 274 5.29 30.95 30.82
C SER A 274 6.15 31.62 29.75
N PHE A 275 6.15 31.09 28.52
CA PHE A 275 7.04 31.55 27.47
C PHE A 275 6.34 32.37 26.39
N LEU A 276 5.03 32.59 26.51
CA LEU A 276 4.29 33.31 25.46
C LEU A 276 2.99 33.80 26.08
N SER A 277 2.84 35.12 26.21
CA SER A 277 1.66 35.67 26.84
C SER A 277 0.53 35.84 25.83
N LYS A 278 -0.70 35.88 26.35
CA LYS A 278 -1.84 36.19 25.48
C LYS A 278 -1.68 37.55 24.82
N ALA A 279 -1.16 38.54 25.58
CA ALA A 279 -1.00 39.88 25.02
C ALA A 279 -0.09 39.87 23.79
N THR A 280 1.00 39.10 23.84
CA THR A 280 1.93 39.04 22.73
C THR A 280 1.28 38.42 21.50
N VAL A 281 0.46 37.38 21.69
CA VAL A 281 -0.24 36.78 20.56
C VAL A 281 -1.29 37.75 20.03
N GLU A 282 -2.03 38.42 20.92
CA GLU A 282 -3.02 39.40 20.46
C GLU A 282 -2.35 40.48 19.63
N ASN A 283 -1.18 40.94 20.08
CA ASN A 283 -0.47 41.99 19.38
C ASN A 283 -0.07 41.53 17.99
N TYR A 284 0.39 40.28 17.89
CA TYR A 284 0.76 39.69 16.60
C TYR A 284 -0.42 39.71 15.62
N ILE A 285 -1.60 39.24 16.06
CA ILE A 285 -2.69 39.19 15.09
C ILE A 285 -3.31 40.57 14.88
N ALA A 286 -3.24 41.46 15.88
CA ALA A 286 -3.70 42.83 15.65
C ALA A 286 -2.85 43.50 14.57
N ASN A 287 -1.55 43.21 14.56
CA ASN A 287 -0.69 43.72 13.50
C ASN A 287 -1.11 43.14 12.14
N ARG A 288 -1.41 41.84 12.08
CA ARG A 288 -1.84 41.25 10.81
C ARG A 288 -3.15 41.86 10.34
N TYR A 289 -4.06 42.11 11.27
CA TYR A 289 -5.33 42.73 10.96
C TYR A 289 -5.13 44.12 10.38
N ASN A 290 -4.28 44.93 11.04
CA ASN A 290 -3.93 46.24 10.51
C ASN A 290 -3.39 46.12 9.10
N ASN A 291 -2.49 45.15 8.88
CA ASN A 291 -1.87 44.98 7.57
C ASN A 291 -2.91 44.65 6.50
N SER A 292 -3.88 43.79 6.82
CA SER A 292 -4.92 43.49 5.85
C SER A 292 -5.72 44.75 5.51
N LEU A 293 -6.02 45.57 6.51
CA LEU A 293 -6.73 46.82 6.25
C LEU A 293 -5.91 47.73 5.34
N VAL A 294 -4.61 47.87 5.63
CA VAL A 294 -3.76 48.74 4.82
C VAL A 294 -3.68 48.20 3.40
N THR A 295 -3.59 46.88 3.24
CA THR A 295 -3.59 46.28 1.90
C THR A 295 -4.82 46.70 1.12
N LEU A 296 -5.96 46.81 1.79
CA LEU A 296 -7.22 47.22 1.19
C LEU A 296 -7.34 48.72 0.96
N GLY A 297 -6.36 49.51 1.38
CA GLY A 297 -6.46 50.94 1.30
C GLY A 297 -7.16 51.61 2.47
N LEU A 298 -7.31 50.90 3.58
CA LEU A 298 -7.97 51.43 4.77
C LEU A 298 -6.94 51.76 5.84
N GLU A 299 -7.40 52.45 6.87
CA GLU A 299 -6.54 52.86 7.96
C GLU A 299 -6.35 51.71 8.96
N PRO A 300 -5.16 51.53 9.50
CA PRO A 300 -4.97 50.58 10.59
C PRO A 300 -5.75 51.04 11.82
N ILE A 301 -6.20 50.07 12.62
CA ILE A 301 -7.07 50.35 13.75
C ILE A 301 -6.32 50.38 15.07
N TYR A 302 -5.36 49.48 15.25
CA TYR A 302 -4.76 49.21 16.54
C TYR A 302 -3.34 49.76 16.67
N ASN A 303 -3.07 50.34 17.83
CA ASN A 303 -1.69 50.60 18.25
CA ASN A 303 -1.68 50.60 18.23
C ASN A 303 -0.97 49.28 18.48
N ILE A 304 0.24 49.13 17.94
CA ILE A 304 0.98 47.88 17.99
C ILE A 304 2.24 48.07 18.83
N SER A 305 2.52 47.10 19.68
CA SER A 305 3.73 47.12 20.52
C SER A 305 4.94 46.62 19.73
N PRO A 306 5.97 47.45 19.53
CA PRO A 306 7.18 46.94 18.84
C PRO A 306 7.90 45.86 19.61
N ALA A 307 7.95 45.96 20.94
CA ALA A 307 8.64 44.96 21.75
C ALA A 307 7.97 43.60 21.62
N GLN A 308 6.64 43.56 21.63
CA GLN A 308 5.94 42.28 21.48
C GLN A 308 6.09 41.74 20.07
N LEU A 309 6.07 42.61 19.06
CA LEU A 309 6.34 42.16 17.69
C LEU A 309 7.71 41.50 17.59
N LYS A 310 8.70 42.04 18.31
CA LYS A 310 10.02 41.44 18.29
C LYS A 310 10.00 40.03 18.89
N GLU A 311 9.16 39.82 19.92
CA GLU A 311 9.05 38.49 20.54
C GLU A 311 8.56 37.43 19.57
N THR A 312 7.70 37.79 18.62
CA THR A 312 7.14 36.81 17.70
C THR A 312 7.73 36.91 16.31
N GLU A 313 8.74 37.76 16.11
CA GLU A 313 9.33 37.94 14.78
C GLU A 313 9.85 36.62 14.22
N TRP A 314 10.36 35.74 15.09
CA TRP A 314 10.87 34.44 14.65
C TRP A 314 9.85 33.66 13.84
N PHE A 315 8.56 33.81 14.16
CA PHE A 315 7.53 33.06 13.47
C PHE A 315 7.41 33.51 12.02
N ASP A 316 7.35 34.83 11.78
CA ASP A 316 7.24 35.32 10.42
C ASP A 316 8.48 34.97 9.61
N ILE A 317 9.65 35.04 10.23
CA ILE A 317 10.88 34.60 9.57
C ILE A 317 10.77 33.14 9.15
N GLU A 318 10.24 32.29 10.05
CA GLU A 318 10.13 30.87 9.75
C GLU A 318 9.17 30.63 8.59
N ILE A 319 8.05 31.36 8.55
CA ILE A 319 7.04 31.07 7.53
C ILE A 319 7.45 31.65 6.18
N LEU A 320 8.04 32.85 6.18
CA LEU A 320 8.32 33.56 4.93
C LEU A 320 9.64 33.13 4.29
N SER A 321 10.43 32.28 4.93
CA SER A 321 11.64 31.75 4.33
C SER A 321 11.32 30.66 3.30
N ARG B 26 -28.15 4.63 4.13
CA ARG B 26 -26.97 5.04 3.35
C ARG B 26 -27.36 5.35 1.90
N SER B 27 -27.18 6.62 1.48
CA SER B 27 -27.47 7.02 0.10
C SER B 27 -26.41 8.00 -0.36
N LEU B 28 -25.86 7.78 -1.55
CA LEU B 28 -24.87 8.70 -2.09
C LEU B 28 -25.43 10.08 -2.38
N PHE B 29 -26.73 10.19 -2.67
CA PHE B 29 -27.34 11.46 -3.00
C PHE B 29 -27.67 12.33 -1.79
N THR B 30 -27.53 11.81 -0.57
CA THR B 30 -27.96 12.53 0.63
C THR B 30 -26.80 13.32 1.21
N PRO B 31 -26.93 14.64 1.36
CA PRO B 31 -25.86 15.43 1.98
C PRO B 31 -25.55 14.94 3.38
N ARG B 32 -24.27 14.98 3.75
CA ARG B 32 -23.84 14.73 5.11
C ARG B 32 -22.85 15.80 5.52
N PHE B 33 -23.11 16.43 6.67
CA PHE B 33 -22.27 17.54 7.15
C PHE B 33 -21.04 17.06 7.92
N GLU B 34 -21.19 16.09 8.82
CA GLU B 34 -20.06 15.70 9.65
C GLU B 34 -19.07 14.85 8.87
N ILE B 35 -17.78 15.13 9.06
CA ILE B 35 -16.74 14.36 8.35
C ILE B 35 -16.78 12.90 8.81
N LYS B 36 -16.58 12.67 10.11
CA LYS B 36 -16.58 11.33 10.69
C LYS B 36 -17.84 11.12 11.52
N PRO B 37 -18.34 9.88 11.61
CA PRO B 37 -17.81 8.71 10.90
C PRO B 37 -18.13 8.74 9.42
N TYR B 38 -17.25 8.20 8.59
CA TYR B 38 -17.51 8.14 7.16
C TYR B 38 -18.61 7.14 6.90
N GLU B 39 -19.47 7.43 5.91
CA GLU B 39 -20.45 6.45 5.46
C GLU B 39 -19.87 5.50 4.43
N TYR B 40 -18.94 5.98 3.58
CA TYR B 40 -18.31 5.18 2.55
C TYR B 40 -16.80 5.26 2.71
N PRO B 41 -16.26 4.69 3.80
CA PRO B 41 -14.82 4.80 4.04
C PRO B 41 -13.98 4.08 2.99
N GLU B 42 -14.51 3.08 2.32
CA GLU B 42 -13.73 2.36 1.32
C GLU B 42 -13.33 3.26 0.15
N LEU B 43 -14.15 4.27 -0.16
CA LEU B 43 -13.83 5.18 -1.26
C LEU B 43 -12.58 5.99 -1.00
N LEU B 44 -12.19 6.18 0.26
CA LEU B 44 -10.97 6.95 0.52
C LEU B 44 -9.73 6.26 -0.03
N GLU B 45 -9.80 4.96 -0.34
CA GLU B 45 -8.65 4.31 -0.97
C GLU B 45 -8.29 4.95 -2.30
N PHE B 46 -9.27 5.56 -2.97
CA PHE B 46 -8.98 6.21 -4.25
C PHE B 46 -8.20 7.51 -4.04
N LYS B 47 -8.42 8.17 -2.91
CA LYS B 47 -7.56 9.31 -2.55
C LYS B 47 -6.14 8.85 -2.25
N ASP B 48 -6.00 7.78 -1.46
CA ASP B 48 -4.67 7.24 -1.22
C ASP B 48 -3.98 6.87 -2.53
N ALA B 49 -4.72 6.26 -3.47
CA ALA B 49 -4.11 5.82 -4.72
C ALA B 49 -3.59 6.99 -5.54
N ILE B 50 -4.37 8.08 -5.61
CA ILE B 50 -3.95 9.21 -6.42
C ILE B 50 -2.83 9.98 -5.73
N ARG B 51 -2.71 9.90 -4.41
CA ARG B 51 -1.55 10.49 -3.76
C ARG B 51 -0.30 9.70 -4.08
N HIS B 52 -0.42 8.38 -4.18
CA HIS B 52 0.74 7.55 -4.52
CA HIS B 52 0.73 7.55 -4.52
C HIS B 52 1.17 7.74 -5.98
N SER B 53 0.22 8.05 -6.87
CA SER B 53 0.52 8.18 -8.29
C SER B 53 0.95 9.58 -8.68
N TYR B 54 0.94 10.52 -7.74
CA TYR B 54 1.25 11.92 -8.00
C TYR B 54 2.54 12.09 -8.78
N TRP B 55 2.52 12.95 -9.80
CA TRP B 55 3.69 13.21 -10.63
C TRP B 55 3.53 14.57 -11.31
N LEU B 56 4.67 15.15 -11.69
CA LEU B 56 4.70 16.38 -12.47
C LEU B 56 5.65 16.17 -13.64
N HIS B 57 5.37 16.86 -14.76
CA HIS B 57 6.20 16.61 -15.93
C HIS B 57 7.64 17.06 -15.71
N THR B 58 7.86 17.95 -14.76
CA THR B 58 9.21 18.41 -14.44
C THR B 58 10.09 17.32 -13.83
N GLU B 59 9.53 16.16 -13.48
CA GLU B 59 10.33 15.00 -13.07
C GLU B 59 11.02 14.33 -14.23
N PHE B 60 10.66 14.67 -15.46
CA PHE B 60 11.21 14.07 -16.66
C PHE B 60 11.94 15.14 -17.46
N ASN B 61 12.94 14.72 -18.23
CA ASN B 61 13.63 15.61 -19.15
C ASN B 61 13.30 15.15 -20.56
N PHE B 62 12.62 16.01 -21.33
CA PHE B 62 12.13 15.61 -22.65
C PHE B 62 13.13 15.95 -23.77
N THR B 63 14.36 16.28 -23.41
CA THR B 63 15.36 16.61 -24.42
C THR B 63 15.55 15.48 -25.42
N GLY B 64 15.70 14.25 -24.92
CA GLY B 64 15.87 13.12 -25.81
C GLY B 64 14.65 12.85 -26.68
N ASP B 65 13.47 13.12 -26.15
CA ASP B 65 12.25 12.98 -26.96
C ASP B 65 12.24 13.96 -28.12
N ILE B 66 12.66 15.20 -27.87
CA ILE B 66 12.69 16.19 -28.94
C ILE B 66 13.70 15.79 -29.99
N GLN B 67 14.87 15.32 -29.56
CA GLN B 67 15.87 14.80 -30.50
C GLN B 67 15.28 13.65 -31.33
N ASP B 68 14.59 12.73 -30.66
CA ASP B 68 14.01 11.58 -31.38
C ASP B 68 13.02 12.05 -32.43
N PHE B 69 12.17 13.01 -32.06
CA PHE B 69 11.18 13.53 -33.00
C PHE B 69 11.82 14.18 -34.20
N ARG B 70 13.00 14.77 -34.02
CA ARG B 70 13.64 15.50 -35.09
C ARG B 70 14.40 14.60 -36.05
N THR B 71 15.15 13.61 -35.53
CA THR B 71 16.08 12.88 -36.39
C THR B 71 16.13 11.37 -36.20
N HIS B 72 15.30 10.78 -35.34
CA HIS B 72 15.39 9.35 -35.09
C HIS B 72 14.18 8.59 -35.59
N ILE B 73 13.26 9.26 -36.29
CA ILE B 73 12.04 8.62 -36.78
C ILE B 73 11.84 8.96 -38.26
N SER B 74 11.05 8.13 -38.93
CA SER B 74 10.69 8.34 -40.32
C SER B 74 9.58 9.39 -40.43
N ASP B 75 9.35 9.87 -41.65
CA ASP B 75 8.23 10.79 -41.89
C ASP B 75 6.90 10.13 -41.54
N VAL B 76 6.77 8.84 -41.86
CA VAL B 76 5.56 8.10 -41.49
C VAL B 76 5.38 8.09 -39.98
N GLU B 77 6.46 7.80 -39.24
CA GLU B 77 6.37 7.77 -37.78
C GLU B 77 6.10 9.16 -37.23
N ARG B 78 6.70 10.20 -37.82
CA ARG B 78 6.45 11.55 -37.34
C ARG B 78 4.98 11.92 -37.50
N ALA B 79 4.36 11.53 -38.61
CA ALA B 79 2.94 11.80 -38.79
C ALA B 79 2.11 11.10 -37.72
N VAL B 80 2.44 9.85 -37.40
CA VAL B 80 1.73 9.11 -36.35
C VAL B 80 1.89 9.83 -35.01
N ILE B 81 3.12 10.19 -34.65
CA ILE B 81 3.34 10.80 -33.34
C ILE B 81 2.65 12.16 -33.25
N THR B 82 2.70 12.94 -34.34
CA THR B 82 2.05 14.25 -34.34
C THR B 82 0.56 14.11 -34.04
N LYS B 83 -0.12 13.22 -34.76
CA LYS B 83 -1.55 13.11 -34.59
C LYS B 83 -1.91 12.42 -33.28
N THR B 84 -1.07 11.48 -32.82
CA THR B 84 -1.33 10.83 -31.54
C THR B 84 -1.22 11.82 -30.38
N MET B 85 -0.20 12.69 -30.42
CA MET B 85 -0.05 13.68 -29.36
C MET B 85 -1.14 14.75 -29.43
N LEU B 86 -1.60 15.10 -30.64
CA LEU B 86 -2.73 16.02 -30.75
C LEU B 86 -3.99 15.40 -30.16
N ALA B 87 -4.20 14.11 -30.42
CA ALA B 87 -5.37 13.43 -29.88
C ALA B 87 -5.32 13.34 -28.36
N ILE B 88 -4.15 13.00 -27.78
CA ILE B 88 -4.03 13.00 -26.33
C ILE B 88 -4.36 14.38 -25.78
N SER B 89 -3.75 15.42 -26.36
CA SER B 89 -3.89 16.77 -25.83
C SER B 89 -5.32 17.28 -25.99
N GLN B 90 -6.06 16.77 -26.99
CA GLN B 90 -7.41 17.26 -27.19
C GLN B 90 -8.28 16.96 -25.97
N ILE B 91 -7.96 15.90 -25.24
CA ILE B 91 -8.61 15.66 -23.94
C ILE B 91 -7.81 16.28 -22.80
N GLU B 92 -6.50 16.08 -22.76
CA GLU B 92 -5.76 16.46 -21.56
C GLU B 92 -5.57 17.95 -21.44
N VAL B 93 -5.45 18.66 -22.56
CA VAL B 93 -5.21 20.12 -22.53
C VAL B 93 -6.59 20.78 -22.62
N SER B 94 -7.26 20.85 -21.49
CA SER B 94 -8.63 21.32 -21.39
C SER B 94 -8.92 21.57 -19.92
N VAL B 95 -10.04 22.24 -19.67
CA VAL B 95 -10.52 22.39 -18.29
C VAL B 95 -11.41 21.20 -18.01
N LYS B 96 -11.06 20.42 -16.98
CA LYS B 96 -11.74 19.15 -16.66
C LYS B 96 -12.30 19.26 -15.25
N ARG B 97 -13.61 19.48 -15.11
CA ARG B 97 -14.15 19.72 -13.78
C ARG B 97 -15.11 18.65 -13.28
N PHE B 98 -15.30 17.56 -14.02
CA PHE B 98 -16.30 16.59 -13.61
C PHE B 98 -16.02 16.04 -12.22
N TRP B 99 -14.81 15.53 -11.98
CA TRP B 99 -14.52 14.96 -10.66
C TRP B 99 -14.61 16.01 -9.56
N GLY B 100 -14.15 17.24 -9.84
CA GLY B 100 -14.24 18.28 -8.84
C GLY B 100 -15.65 18.67 -8.48
N ASN B 101 -16.59 18.49 -9.42
CA ASN B 101 -17.99 18.83 -9.24
C ASN B 101 -18.81 17.69 -8.68
N LEU B 102 -18.24 16.48 -8.52
CA LEU B 102 -19.04 15.31 -8.17
C LEU B 102 -19.76 15.51 -6.84
N TYR B 103 -19.17 16.27 -5.93
CA TYR B 103 -19.77 16.55 -4.63
C TYR B 103 -21.12 17.24 -4.78
N ASN B 104 -21.35 18.00 -5.85
CA ASN B 104 -22.64 18.66 -6.00
C ASN B 104 -23.77 17.67 -6.17
N TYR B 105 -23.46 16.46 -6.63
CA TYR B 105 -24.45 15.40 -6.82
C TYR B 105 -24.43 14.38 -5.68
N PHE B 106 -23.25 14.02 -5.19
CA PHE B 106 -23.06 13.13 -4.06
C PHE B 106 -22.41 13.91 -2.94
N PRO B 107 -23.17 14.61 -2.10
CA PRO B 107 -22.54 15.60 -1.20
C PRO B 107 -22.00 14.99 0.08
N LYS B 108 -20.99 14.16 -0.06
CA LYS B 108 -20.31 13.44 0.99
C LYS B 108 -18.89 13.97 1.15
N PRO B 109 -18.43 14.20 2.38
CA PRO B 109 -17.03 14.55 2.58
C PRO B 109 -16.08 13.60 1.86
N GLU B 110 -16.34 12.29 1.87
CA GLU B 110 -15.38 11.39 1.24
C GLU B 110 -15.45 11.51 -0.29
N ILE B 111 -16.58 11.95 -0.84
CA ILE B 111 -16.65 12.17 -2.29
C ILE B 111 -15.79 13.36 -2.68
N GLU B 112 -15.88 14.46 -1.92
CA GLU B 112 -15.04 15.62 -2.19
C GLU B 112 -13.56 15.27 -2.04
N ASP B 113 -13.21 14.42 -1.07
CA ASP B 113 -11.80 14.04 -0.88
C ASP B 113 -11.26 13.39 -2.15
N VAL B 114 -12.02 12.48 -2.72
CA VAL B 114 -11.57 11.80 -3.94
C VAL B 114 -11.69 12.74 -5.14
N GLY B 115 -12.85 13.39 -5.30
CA GLY B 115 -13.09 14.19 -6.48
C GLY B 115 -12.15 15.39 -6.59
N GLY B 116 -11.89 16.06 -5.48
CA GLY B 116 -10.98 17.20 -5.52
C GLY B 116 -9.55 16.79 -5.77
N SER B 117 -9.17 15.62 -5.24
CA SER B 117 -7.82 15.09 -5.51
C SER B 117 -7.68 14.69 -6.97
N PHE B 118 -8.74 14.12 -7.55
CA PHE B 118 -8.73 13.78 -8.97
C PHE B 118 -8.66 15.03 -9.84
N LEU B 119 -9.41 16.08 -9.49
CA LEU B 119 -9.35 17.30 -10.29
C LEU B 119 -7.94 17.85 -10.31
N GLU B 120 -7.26 17.84 -9.15
CA GLU B 120 -5.90 18.33 -9.14
C GLU B 120 -5.01 17.48 -10.04
N SER B 121 -5.22 16.17 -10.05
CA SER B 121 -4.41 15.33 -10.94
C SER B 121 -4.61 15.72 -12.40
N GLU B 122 -5.82 16.17 -12.77
CA GLU B 122 -6.06 16.57 -14.15
C GLU B 122 -5.37 17.90 -14.49
N ILE B 123 -5.18 18.77 -13.50
CA ILE B 123 -4.37 19.98 -13.74
C ILE B 123 -2.94 19.56 -14.07
N ARG B 124 -2.40 18.61 -13.31
CA ARG B 124 -1.05 18.13 -13.58
C ARG B 124 -0.94 17.52 -14.97
N HIS B 125 -1.94 16.74 -15.39
CA HIS B 125 -1.92 16.19 -16.75
C HIS B 125 -1.95 17.30 -17.78
N LYS B 126 -2.83 18.30 -17.58
CA LYS B 126 -2.89 19.41 -18.53
C LYS B 126 -1.54 20.07 -18.69
N ASP B 127 -0.85 20.35 -17.58
CA ASP B 127 0.44 21.01 -17.67
C ASP B 127 1.44 20.15 -18.44
N ALA B 128 1.40 18.82 -18.23
CA ALA B 128 2.34 17.95 -18.93
C ALA B 128 2.14 18.01 -20.44
N TYR B 129 0.89 17.85 -20.90
CA TYR B 129 0.71 17.77 -22.34
C TYR B 129 0.78 19.14 -23.00
N SER B 130 0.45 20.21 -22.26
CA SER B 130 0.66 21.55 -22.79
C SER B 130 2.14 21.80 -23.04
N PHE B 131 2.97 21.38 -22.08
CA PHE B 131 4.42 21.51 -22.26
C PHE B 131 4.90 20.71 -23.46
N LEU B 132 4.37 19.49 -23.65
CA LEU B 132 4.83 18.65 -24.75
C LEU B 132 4.37 19.22 -26.10
N LEU B 133 3.17 19.80 -26.16
CA LEU B 133 2.76 20.46 -27.40
C LEU B 133 3.76 21.54 -27.79
N GLU B 134 4.18 22.33 -26.80
CA GLU B 134 5.14 23.40 -27.05
C GLU B 134 6.47 22.82 -27.54
N LYS B 135 6.98 21.81 -26.84
CA LYS B 135 8.31 21.32 -27.15
C LYS B 135 8.36 20.60 -28.49
N LEU B 136 7.25 20.01 -28.93
CA LEU B 136 7.18 19.32 -30.21
C LEU B 136 6.74 20.23 -31.36
N GLY B 137 6.54 21.52 -31.09
CA GLY B 137 6.16 22.44 -32.15
C GLY B 137 4.74 22.31 -32.63
N LEU B 138 3.83 21.84 -31.77
CA LEU B 138 2.49 21.47 -32.21
C LEU B 138 1.43 22.50 -31.83
N ASN B 139 1.81 23.64 -31.24
CA ASN B 139 0.82 24.60 -30.76
C ASN B 139 -0.14 25.04 -31.86
N GLU B 140 0.40 25.36 -33.06
CA GLU B 140 -0.46 25.83 -34.16
C GLU B 140 -1.43 24.74 -34.59
N MET B 141 -0.94 23.52 -34.75
CA MET B 141 -1.83 22.43 -35.12
C MET B 141 -2.90 22.20 -34.05
N PHE B 142 -2.53 22.32 -32.78
CA PHE B 142 -3.50 22.10 -31.72
C PHE B 142 -4.58 23.19 -31.71
N ARG B 143 -4.19 24.44 -32.03
CA ARG B 143 -5.16 25.52 -32.12
C ARG B 143 -6.31 25.17 -33.06
N ASN B 144 -6.01 24.37 -34.08
CA ASN B 144 -6.98 24.01 -35.11
C ASN B 144 -7.43 22.55 -34.99
N VAL B 145 -7.23 21.92 -33.82
CA VAL B 145 -7.42 20.48 -33.71
C VAL B 145 -8.88 20.11 -33.88
N ARG B 146 -9.80 21.00 -33.47
CA ARG B 146 -11.22 20.70 -33.62
C ARG B 146 -11.66 20.73 -35.08
N GLN B 147 -10.76 20.96 -36.03
CA GLN B 147 -11.06 20.90 -37.45
C GLN B 147 -11.03 19.48 -38.01
N TYR B 148 -10.31 18.56 -37.37
CA TYR B 148 -10.16 17.22 -37.92
C TYR B 148 -11.45 16.43 -37.71
N LYS B 149 -11.93 15.79 -38.79
CA LYS B 149 -13.21 15.07 -38.74
C LYS B 149 -13.24 14.04 -37.62
N ALA B 150 -12.13 13.30 -37.43
CA ALA B 150 -12.13 12.27 -36.40
C ALA B 150 -12.18 12.88 -35.00
N ILE B 151 -11.52 14.02 -34.81
CA ILE B 151 -11.62 14.72 -33.53
C ILE B 151 -13.05 15.18 -33.30
N MET B 152 -13.71 15.70 -34.34
CA MET B 152 -15.11 16.11 -34.20
CA MET B 152 -15.10 16.12 -34.17
C MET B 152 -16.00 14.94 -33.77
N ALA B 153 -15.69 13.73 -34.26
CA ALA B 153 -16.47 12.56 -33.87
C ALA B 153 -16.30 12.26 -32.39
N ARG B 154 -15.09 12.40 -31.86
CA ARG B 154 -14.90 12.25 -30.42
C ARG B 154 -15.64 13.32 -29.64
N ILE B 155 -15.54 14.58 -30.08
CA ILE B 155 -16.25 15.66 -29.40
C ILE B 155 -17.75 15.37 -29.36
N GLU B 156 -18.29 14.87 -30.47
CA GLU B 156 -19.71 14.52 -30.55
C GLU B 156 -20.10 13.53 -29.45
N TYR B 157 -19.32 12.46 -29.27
CA TYR B 157 -19.76 11.47 -28.29
C TYR B 157 -19.48 11.94 -26.88
N MET B 158 -18.39 12.68 -26.64
CA MET B 158 -18.14 13.16 -25.30
C MET B 158 -19.18 14.18 -24.87
N GLU B 159 -19.66 15.01 -25.80
CA GLU B 159 -20.75 15.92 -25.47
C GLU B 159 -22.05 15.15 -25.22
N ALA B 160 -22.32 14.13 -26.02
CA ALA B 160 -23.52 13.32 -25.81
C ALA B 160 -23.49 12.65 -24.45
N PHE B 161 -22.31 12.19 -24.01
CA PHE B 161 -22.18 11.54 -22.71
C PHE B 161 -22.66 12.45 -21.58
N MET B 162 -22.40 13.76 -21.68
CA MET B 162 -22.63 14.71 -20.61
C MET B 162 -23.91 15.53 -20.77
N ARG B 163 -24.58 15.42 -21.92
CA ARG B 163 -25.59 16.41 -22.29
C ARG B 163 -26.70 16.52 -21.25
N LYS B 164 -27.14 15.38 -20.70
CA LYS B 164 -28.30 15.34 -19.82
C LYS B 164 -27.93 15.14 -18.35
N LYS B 165 -26.66 15.38 -17.96
CA LYS B 165 -26.23 14.99 -16.62
C LYS B 165 -26.98 15.71 -15.50
N ASP B 166 -27.60 16.85 -15.79
CA ASP B 166 -28.27 17.62 -14.76
C ASP B 166 -29.79 17.48 -14.78
N VAL B 167 -30.31 16.62 -15.65
CA VAL B 167 -31.76 16.50 -15.81
C VAL B 167 -32.39 15.70 -14.68
N SER B 168 -31.76 14.60 -14.26
CA SER B 168 -32.34 13.72 -13.27
C SER B 168 -31.24 12.88 -12.66
N GLN B 169 -31.56 12.23 -11.54
CA GLN B 169 -30.63 11.28 -10.94
C GLN B 169 -30.23 10.21 -11.94
N GLN B 170 -31.20 9.64 -12.66
CA GLN B 170 -30.91 8.58 -13.61
C GLN B 170 -30.01 9.07 -14.74
N ASP B 171 -30.29 10.25 -15.28
CA ASP B 171 -29.45 10.79 -16.36
C ASP B 171 -28.06 11.12 -15.85
N PHE B 172 -27.95 11.64 -14.63
CA PHE B 172 -26.63 11.88 -14.06
C PHE B 172 -25.85 10.58 -13.94
N VAL B 173 -26.51 9.54 -13.41
CA VAL B 173 -25.80 8.27 -13.22
C VAL B 173 -25.33 7.73 -14.56
N LEU B 174 -26.14 7.85 -15.61
CA LEU B 174 -25.68 7.41 -16.93
C LEU B 174 -24.46 8.19 -17.38
N SER B 175 -24.47 9.52 -17.18
CA SER B 175 -23.30 10.33 -17.52
C SER B 175 -22.08 9.89 -16.74
N LEU B 176 -22.24 9.63 -15.43
CA LEU B 176 -21.12 9.18 -14.60
C LEU B 176 -20.56 7.86 -15.09
N VAL B 177 -21.46 6.93 -15.44
CA VAL B 177 -21.03 5.62 -15.95
C VAL B 177 -20.31 5.77 -17.28
N MET B 178 -20.86 6.56 -18.21
CA MET B 178 -20.23 6.68 -19.51
C MET B 178 -18.87 7.35 -19.39
N PHE B 179 -18.78 8.38 -18.56
CA PHE B 179 -17.51 9.07 -18.37
C PHE B 179 -16.47 8.15 -17.75
N SER B 180 -16.86 7.42 -16.69
CA SER B 180 -15.90 6.59 -15.97
C SER B 180 -15.43 5.41 -16.82
N LEU B 181 -16.38 4.67 -17.37
CA LEU B 181 -16.04 3.40 -17.99
C LEU B 181 -15.62 3.54 -19.45
N PHE B 182 -15.98 4.63 -20.10
CA PHE B 182 -15.67 4.74 -21.51
C PHE B 182 -14.78 5.91 -21.85
N VAL B 183 -14.90 7.05 -21.19
CA VAL B 183 -13.89 8.10 -21.40
C VAL B 183 -12.63 7.79 -20.60
N GLU B 184 -12.75 7.76 -19.27
CA GLU B 184 -11.57 7.66 -18.42
C GLU B 184 -10.80 6.37 -18.66
N HIS B 185 -11.51 5.27 -18.90
CA HIS B 185 -10.82 4.00 -19.11
C HIS B 185 -10.50 3.66 -20.55
N ILE B 186 -10.96 4.46 -21.55
CA ILE B 186 -10.69 4.04 -22.92
C ILE B 186 -10.25 5.15 -23.89
N SER B 187 -10.83 6.36 -23.79
CA SER B 187 -10.67 7.36 -24.85
C SER B 187 -9.22 7.57 -25.26
N LEU B 188 -8.31 7.73 -24.29
CA LEU B 188 -6.92 8.01 -24.63
C LEU B 188 -6.07 6.76 -24.75
N PHE B 189 -6.60 5.58 -24.44
CA PHE B 189 -5.70 4.46 -24.27
C PHE B 189 -5.10 3.97 -25.58
N SER B 190 -5.77 4.15 -26.73
CA SER B 190 -5.10 3.75 -27.97
C SER B 190 -3.86 4.62 -28.19
N GLN B 191 -3.94 5.89 -27.79
CA GLN B 191 -2.81 6.80 -27.98
C GLN B 191 -1.72 6.50 -26.97
N PHE B 192 -2.10 6.11 -25.75
CA PHE B 192 -1.11 5.71 -24.74
C PHE B 192 -0.32 4.51 -25.23
N VAL B 193 -1.00 3.52 -25.82
CA VAL B 193 -0.32 2.32 -26.32
C VAL B 193 0.61 2.67 -27.46
N ILE B 194 0.18 3.55 -28.38
CA ILE B 194 1.02 3.94 -29.51
C ILE B 194 2.30 4.59 -29.00
N MET B 195 2.18 5.57 -28.09
CA MET B 195 3.35 6.30 -27.64
C MET B 195 4.31 5.39 -26.87
N MET B 196 3.78 4.56 -25.97
CA MET B 196 4.67 3.70 -25.21
C MET B 196 5.29 2.61 -26.08
N SER B 197 4.64 2.27 -27.20
CA SER B 197 5.20 1.25 -28.09
C SER B 197 6.50 1.70 -28.74
N PHE B 198 6.68 3.01 -28.96
CA PHE B 198 7.96 3.50 -29.48
C PHE B 198 9.09 3.20 -28.53
N ASN B 199 8.84 3.29 -27.22
CA ASN B 199 9.88 2.96 -26.26
C ASN B 199 10.07 1.45 -26.17
N LYS B 200 8.97 0.70 -26.09
CA LYS B 200 9.07 -0.75 -25.95
C LYS B 200 9.82 -1.36 -27.13
N HIS B 201 9.54 -0.91 -28.35
CA HIS B 201 10.07 -1.59 -29.53
C HIS B 201 11.32 -0.94 -30.10
N LYS B 202 11.53 0.35 -29.85
CA LYS B 202 12.64 1.07 -30.46
C LYS B 202 13.47 1.86 -29.47
N ASN B 203 13.14 1.81 -28.18
CA ASN B 203 13.90 2.52 -27.15
C ASN B 203 13.90 4.04 -27.40
N LEU B 204 12.85 4.54 -28.04
CA LEU B 204 12.68 5.96 -28.34
C LEU B 204 11.64 6.58 -27.42
N PHE B 205 11.67 7.91 -27.34
CA PHE B 205 10.66 8.69 -26.60
C PHE B 205 10.49 8.19 -25.17
N LYS B 206 11.62 8.05 -24.47
CA LYS B 206 11.58 7.55 -23.09
C LYS B 206 10.88 8.54 -22.16
N GLY B 207 11.10 9.84 -22.36
CA GLY B 207 10.46 10.82 -21.49
C GLY B 207 8.94 10.86 -21.67
N ILE B 208 8.48 10.88 -22.91
CA ILE B 208 7.05 10.84 -23.14
C ILE B 208 6.47 9.52 -22.67
N SER B 209 7.20 8.41 -22.88
CA SER B 209 6.75 7.13 -22.35
C SER B 209 6.53 7.22 -20.85
N ASN B 210 7.46 7.87 -20.13
CA ASN B 210 7.29 8.01 -18.68
C ASN B 210 6.06 8.85 -18.34
N ALA B 211 5.84 9.95 -19.06
CA ALA B 211 4.67 10.78 -18.80
C ALA B 211 3.39 10.04 -19.13
N VAL B 212 3.37 9.31 -20.26
CA VAL B 212 2.19 8.55 -20.64
C VAL B 212 1.91 7.45 -19.63
N GLU B 213 2.95 6.76 -19.16
CA GLU B 213 2.76 5.73 -18.16
C GLU B 213 2.14 6.32 -16.90
N ALA B 214 2.67 7.46 -16.44
CA ALA B 214 2.13 8.09 -15.24
C ALA B 214 0.69 8.55 -15.44
N THR B 215 0.38 9.06 -16.64
CA THR B 215 -0.99 9.49 -16.94
C THR B 215 -1.93 8.30 -16.98
N SER B 216 -1.50 7.20 -17.61
CA SER B 216 -2.33 6.01 -17.73
C SER B 216 -2.72 5.47 -16.36
N LYS B 217 -1.75 5.40 -15.46
CA LYS B 217 -2.02 4.91 -14.11
C LYS B 217 -3.08 5.76 -13.42
N GLU B 218 -3.02 7.07 -13.62
CA GLU B 218 -4.00 7.92 -12.97
C GLU B 218 -5.36 7.83 -13.65
N GLU B 219 -5.43 7.65 -14.97
CA GLU B 219 -6.73 7.46 -15.58
C GLU B 219 -7.35 6.12 -15.18
N GLU B 220 -6.52 5.09 -14.99
CA GLU B 220 -7.03 3.83 -14.44
C GLU B 220 -7.69 4.07 -13.10
N ILE B 221 -7.03 4.85 -12.23
CA ILE B 221 -7.60 5.13 -10.91
C ILE B 221 -8.91 5.87 -11.07
N HIS B 222 -8.96 6.88 -11.96
CA HIS B 222 -10.18 7.66 -12.14
C HIS B 222 -11.36 6.78 -12.54
N GLY B 223 -11.17 5.91 -13.54
CA GLY B 223 -12.27 5.06 -13.98
C GLY B 223 -12.70 4.06 -12.92
N ARG B 224 -11.74 3.52 -12.16
CA ARG B 224 -12.08 2.55 -11.12
C ARG B 224 -12.94 3.16 -10.03
N PHE B 225 -12.74 4.46 -9.73
CA PHE B 225 -13.61 5.14 -8.78
C PHE B 225 -15.05 5.11 -9.28
N GLY B 226 -15.26 5.38 -10.56
CA GLY B 226 -16.60 5.36 -11.12
C GLY B 226 -17.21 3.97 -11.09
N ILE B 227 -16.38 2.94 -11.30
CA ILE B 227 -16.88 1.56 -11.21
C ILE B 227 -17.40 1.28 -9.81
N SER B 228 -16.63 1.69 -8.78
CA SER B 228 -17.08 1.51 -7.41
C SER B 228 -18.39 2.23 -7.15
N LEU B 229 -18.51 3.47 -7.63
CA LEU B 229 -19.77 4.21 -7.46
C LEU B 229 -20.93 3.48 -8.13
N TYR B 230 -20.69 2.92 -9.32
CA TYR B 230 -21.74 2.18 -10.03
C TYR B 230 -22.24 1.02 -9.19
N HIS B 231 -21.33 0.25 -8.61
CA HIS B 231 -21.76 -0.90 -7.82
C HIS B 231 -22.56 -0.47 -6.59
N LEU B 232 -22.14 0.63 -5.97
CA LEU B 232 -22.90 1.20 -4.86
C LEU B 232 -24.29 1.64 -5.30
N LEU B 233 -24.36 2.33 -6.45
CA LEU B 233 -25.64 2.84 -6.93
C LEU B 233 -26.59 1.72 -7.35
N ARG B 234 -26.04 0.64 -7.91
CA ARG B 234 -26.88 -0.50 -8.28
C ARG B 234 -27.54 -1.13 -7.06
N GLU B 235 -26.87 -1.12 -5.92
CA GLU B 235 -27.46 -1.66 -4.69
C GLU B 235 -28.41 -0.67 -4.06
N GLU B 236 -28.06 0.63 -4.06
CA GLU B 236 -28.84 1.63 -3.37
C GLU B 236 -30.13 1.98 -4.08
N GLN B 237 -30.08 2.09 -5.41
CA GLN B 237 -31.22 2.56 -6.20
C GLN B 237 -31.35 1.72 -7.46
N PRO B 238 -31.72 0.44 -7.32
CA PRO B 238 -31.86 -0.42 -8.50
C PRO B 238 -32.86 0.08 -9.53
N GLU B 239 -33.83 0.91 -9.13
CA GLU B 239 -34.83 1.38 -10.08
C GLU B 239 -34.27 2.33 -11.14
N LEU B 240 -33.05 2.85 -10.94
CA LEU B 240 -32.43 3.66 -11.97
C LEU B 240 -31.98 2.83 -13.17
N PHE B 241 -31.72 1.55 -12.97
CA PHE B 241 -31.01 0.75 -13.96
C PHE B 241 -32.00 -0.11 -14.75
N THR B 242 -32.80 0.60 -15.55
CA THR B 242 -33.86 0.05 -16.37
C THR B 242 -33.33 -0.48 -17.69
N ASP B 243 -34.18 -1.25 -18.39
CA ASP B 243 -33.90 -1.64 -19.76
C ASP B 243 -33.48 -0.43 -20.60
N GLU B 244 -34.17 0.69 -20.41
CA GLU B 244 -33.94 1.88 -21.23
C GLU B 244 -32.57 2.48 -20.92
N PHE B 245 -32.19 2.48 -19.64
CA PHE B 245 -30.86 2.91 -19.23
C PHE B 245 -29.79 2.12 -19.96
N TYR B 246 -29.87 0.79 -19.92
CA TYR B 246 -28.81 -0.01 -20.55
C TYR B 246 -28.86 0.08 -22.07
N ALA B 247 -30.06 0.23 -22.67
CA ALA B 247 -30.13 0.36 -24.11
C ALA B 247 -29.42 1.62 -24.59
N GLU B 248 -29.63 2.72 -23.87
CA GLU B 248 -28.98 3.98 -24.23
C GLU B 248 -27.47 3.90 -24.01
N LEU B 249 -27.07 3.28 -22.89
CA LEU B 249 -25.66 3.08 -22.62
C LEU B 249 -24.98 2.33 -23.75
N LYS B 250 -25.62 1.25 -24.23
CA LYS B 250 -25.01 0.49 -25.34
C LYS B 250 -24.90 1.35 -26.60
N GLU B 251 -25.92 2.15 -26.91
CA GLU B 251 -25.87 3.00 -28.09
C GLU B 251 -24.73 4.02 -27.97
N LEU B 252 -24.60 4.62 -26.79
CA LEU B 252 -23.54 5.60 -26.57
C LEU B 252 -22.16 4.95 -26.65
N ALA B 253 -22.01 3.74 -26.08
CA ALA B 253 -20.73 3.05 -26.17
C ALA B 253 -20.37 2.69 -27.60
N GLU B 254 -21.38 2.38 -28.44
CA GLU B 254 -21.11 2.09 -29.85
C GLU B 254 -20.63 3.34 -30.58
N GLN B 255 -21.29 4.48 -30.32
CA GLN B 255 -20.84 5.74 -30.91
C GLN B 255 -19.41 6.05 -30.50
N ALA B 256 -19.07 5.82 -29.23
CA ALA B 256 -17.71 6.11 -28.74
C ALA B 256 -16.69 5.24 -29.45
N PHE B 257 -16.94 3.94 -29.55
CA PHE B 257 -15.97 3.06 -30.21
C PHE B 257 -15.79 3.43 -31.67
N ASN B 258 -16.89 3.74 -32.37
CA ASN B 258 -16.77 4.12 -33.77
C ASN B 258 -15.94 5.39 -33.93
N ALA B 259 -16.08 6.33 -33.00
CA ALA B 259 -15.26 7.55 -33.04
C ALA B 259 -13.80 7.25 -32.74
N GLU B 260 -13.52 6.39 -31.75
CA GLU B 260 -12.11 6.12 -31.46
C GLU B 260 -11.47 5.29 -32.57
N LYS B 261 -12.24 4.45 -33.25
CA LYS B 261 -11.73 3.82 -34.47
C LYS B 261 -11.39 4.87 -35.52
N ALA B 262 -12.25 5.88 -35.67
CA ALA B 262 -11.98 6.95 -36.62
C ALA B 262 -10.71 7.71 -36.26
N ILE B 263 -10.48 7.92 -34.96
CA ILE B 263 -9.22 8.54 -34.53
C ILE B 263 -8.03 7.70 -34.96
N LEU B 264 -8.15 6.38 -34.86
CA LEU B 264 -7.07 5.51 -35.31
C LEU B 264 -6.88 5.57 -36.82
N ASP B 265 -7.98 5.59 -37.59
CA ASP B 265 -7.84 5.69 -39.04
C ASP B 265 -7.10 6.97 -39.41
N TRP B 266 -7.41 8.06 -38.71
CA TRP B 266 -6.75 9.34 -38.95
C TRP B 266 -5.28 9.29 -38.54
N ILE B 267 -4.98 8.75 -37.37
CA ILE B 267 -3.59 8.71 -36.91
C ILE B 267 -2.71 7.98 -37.91
N PHE B 268 -3.22 6.92 -38.54
CA PHE B 268 -2.42 6.07 -39.42
C PHE B 268 -2.69 6.32 -40.89
N GLU B 269 -3.35 7.43 -41.23
CA GLU B 269 -3.77 7.70 -42.61
C GLU B 269 -2.59 7.79 -43.56
N ASP B 270 -1.43 8.24 -43.09
CA ASP B 270 -0.24 8.36 -43.93
C ASP B 270 0.66 7.13 -43.89
N GLY B 271 0.29 6.11 -43.16
CA GLY B 271 1.07 4.88 -43.10
C GLY B 271 1.11 4.31 -41.69
N GLU B 272 1.17 2.98 -41.59
CA GLU B 272 1.20 2.31 -40.31
C GLU B 272 2.64 2.11 -39.83
N LEU B 273 2.77 1.83 -38.53
CA LEU B 273 4.06 1.57 -37.91
C LEU B 273 4.49 0.14 -38.20
N SER B 274 5.81 -0.05 -38.37
CA SER B 274 6.33 -1.38 -38.65
C SER B 274 6.19 -2.34 -37.47
N PHE B 275 6.08 -1.82 -36.25
CA PHE B 275 6.14 -2.62 -35.03
C PHE B 275 4.81 -2.69 -34.30
N LEU B 276 3.76 -2.06 -34.83
CA LEU B 276 2.47 -2.01 -34.15
C LEU B 276 1.43 -1.63 -35.20
N SER B 277 0.59 -2.57 -35.59
CA SER B 277 -0.36 -2.28 -36.66
C SER B 277 -1.59 -1.57 -36.11
N LYS B 278 -2.31 -0.90 -37.02
CA LYS B 278 -3.57 -0.27 -36.64
C LYS B 278 -4.55 -1.29 -36.09
N ALA B 279 -4.60 -2.47 -36.72
CA ALA B 279 -5.51 -3.51 -36.25
C ALA B 279 -5.21 -3.94 -34.82
N THR B 280 -3.92 -4.07 -34.47
CA THR B 280 -3.54 -4.47 -33.12
C THR B 280 -4.00 -3.43 -32.10
N VAL B 281 -3.83 -2.14 -32.41
CA VAL B 281 -4.29 -1.10 -31.49
C VAL B 281 -5.82 -1.09 -31.39
N GLU B 282 -6.50 -1.25 -32.52
CA GLU B 282 -7.96 -1.29 -32.50
C GLU B 282 -8.45 -2.47 -31.66
N ASN B 283 -7.76 -3.61 -31.79
CA ASN B 283 -8.11 -4.79 -31.00
C ASN B 283 -7.96 -4.51 -29.50
N TYR B 284 -6.88 -3.81 -29.13
CA TYR B 284 -6.63 -3.47 -27.73
C TYR B 284 -7.79 -2.67 -27.14
N ILE B 285 -8.24 -1.63 -27.85
CA ILE B 285 -9.30 -0.83 -27.24
C ILE B 285 -10.64 -1.55 -27.36
N ALA B 286 -10.86 -2.34 -28.42
CA ALA B 286 -12.11 -3.11 -28.48
C ALA B 286 -12.23 -4.04 -27.28
N ASN B 287 -11.11 -4.63 -26.87
CA ASN B 287 -11.12 -5.47 -25.68
C ASN B 287 -11.49 -4.64 -24.43
N ARG B 288 -11.02 -3.39 -24.39
CA ARG B 288 -11.39 -2.53 -23.25
C ARG B 288 -12.88 -2.17 -23.27
N TYR B 289 -13.47 -1.96 -24.47
CA TYR B 289 -14.91 -1.74 -24.50
C TYR B 289 -15.66 -2.97 -23.99
N ASN B 290 -15.23 -4.17 -24.41
CA ASN B 290 -15.85 -5.39 -23.89
C ASN B 290 -15.73 -5.47 -22.38
N ASN B 291 -14.55 -5.17 -21.85
CA ASN B 291 -14.34 -5.24 -20.40
C ASN B 291 -15.26 -4.28 -19.67
N SER B 292 -15.44 -3.06 -20.20
CA SER B 292 -16.33 -2.12 -19.52
C SER B 292 -17.76 -2.60 -19.55
N LEU B 293 -18.23 -3.09 -20.71
CA LEU B 293 -19.57 -3.65 -20.80
C LEU B 293 -19.75 -4.80 -19.81
N VAL B 294 -18.75 -5.67 -19.71
CA VAL B 294 -18.84 -6.80 -18.79
C VAL B 294 -18.86 -6.34 -17.34
N THR B 295 -18.06 -5.32 -17.03
CA THR B 295 -18.07 -4.78 -15.67
C THR B 295 -19.47 -4.31 -15.28
N LEU B 296 -20.20 -3.76 -16.24
CA LEU B 296 -21.55 -3.26 -16.02
C LEU B 296 -22.59 -4.36 -15.94
N GLY B 297 -22.21 -5.60 -16.24
CA GLY B 297 -23.14 -6.70 -16.30
C GLY B 297 -23.66 -7.03 -17.67
N LEU B 298 -23.17 -6.37 -18.72
CA LEU B 298 -23.64 -6.56 -20.08
C LEU B 298 -22.75 -7.55 -20.82
N GLU B 299 -23.19 -7.93 -22.03
CA GLU B 299 -22.42 -8.88 -22.84
C GLU B 299 -21.29 -8.16 -23.58
N PRO B 300 -20.14 -8.83 -23.74
CA PRO B 300 -19.14 -8.31 -24.68
C PRO B 300 -19.66 -8.45 -26.10
N ILE B 301 -19.20 -7.55 -26.98
CA ILE B 301 -19.72 -7.53 -28.33
C ILE B 301 -18.66 -7.60 -29.42
N TYR B 302 -17.39 -7.28 -29.15
CA TYR B 302 -16.36 -7.31 -30.18
C TYR B 302 -15.59 -8.63 -30.13
N ASN B 303 -15.26 -9.17 -31.31
CA ASN B 303 -14.49 -10.42 -31.38
C ASN B 303 -13.00 -10.09 -31.31
N ILE B 304 -12.36 -10.47 -30.22
CA ILE B 304 -11.00 -10.07 -29.90
C ILE B 304 -10.01 -11.12 -30.38
N SER B 305 -8.89 -10.64 -30.95
CA SER B 305 -7.75 -11.48 -31.30
C SER B 305 -6.87 -11.76 -30.09
N PRO B 306 -6.78 -13.01 -29.63
CA PRO B 306 -5.84 -13.30 -28.53
C PRO B 306 -4.39 -13.08 -28.93
N ALA B 307 -4.04 -13.31 -30.20
CA ALA B 307 -2.67 -13.10 -30.65
C ALA B 307 -2.29 -11.63 -30.58
N GLN B 308 -3.20 -10.74 -30.99
CA GLN B 308 -2.89 -9.32 -30.93
C GLN B 308 -2.89 -8.81 -29.49
N LEU B 309 -3.78 -9.36 -28.66
CA LEU B 309 -3.72 -9.02 -27.23
C LEU B 309 -2.38 -9.44 -26.63
N LYS B 310 -1.82 -10.58 -27.07
CA LYS B 310 -0.50 -10.95 -26.57
C LYS B 310 0.55 -9.95 -27.01
N GLU B 311 0.35 -9.35 -28.19
CA GLU B 311 1.29 -8.37 -28.69
C GLU B 311 1.34 -7.12 -27.81
N THR B 312 0.21 -6.73 -27.23
CA THR B 312 0.15 -5.50 -26.44
C THR B 312 0.08 -5.75 -24.94
N GLU B 313 0.12 -7.01 -24.49
CA GLU B 313 -0.13 -7.26 -23.07
C GLU B 313 0.96 -6.67 -22.18
N TRP B 314 2.16 -6.45 -22.71
CA TRP B 314 3.20 -5.76 -21.92
C TRP B 314 2.70 -4.43 -21.40
N PHE B 315 1.83 -3.74 -22.15
CA PHE B 315 1.33 -2.44 -21.70
C PHE B 315 0.47 -2.58 -20.44
N ASP B 316 -0.43 -3.57 -20.42
CA ASP B 316 -1.25 -3.76 -19.23
C ASP B 316 -0.39 -4.21 -18.05
N ILE B 317 0.62 -5.04 -18.31
CA ILE B 317 1.51 -5.47 -17.23
C ILE B 317 2.27 -4.28 -16.66
N GLU B 318 2.73 -3.37 -17.53
CA GLU B 318 3.44 -2.18 -17.08
C GLU B 318 2.54 -1.22 -16.30
N ILE B 319 1.31 -0.98 -16.79
CA ILE B 319 0.44 0.03 -16.16
C ILE B 319 -0.15 -0.47 -14.85
N LEU B 320 -0.50 -1.76 -14.78
CA LEU B 320 -1.29 -2.26 -13.66
C LEU B 320 -0.49 -3.02 -12.62
N SER B 321 0.67 -3.56 -12.96
CA SER B 321 1.48 -4.30 -12.00
C SER B 321 2.46 -3.37 -11.28
N ARG C 26 -18.83 -12.36 2.90
CA ARG C 26 -17.55 -13.05 2.98
C ARG C 26 -16.84 -13.04 1.61
N SER C 27 -15.63 -12.47 1.56
CA SER C 27 -14.87 -12.41 0.32
C SER C 27 -13.38 -12.56 0.60
N LEU C 28 -12.71 -13.45 -0.13
CA LEU C 28 -11.28 -13.66 0.09
C LEU C 28 -10.46 -12.41 -0.22
N PHE C 29 -10.94 -11.53 -1.10
CA PHE C 29 -10.17 -10.36 -1.49
C PHE C 29 -10.22 -9.23 -0.47
N THR C 30 -11.12 -9.28 0.51
CA THR C 30 -11.34 -8.19 1.44
C THR C 30 -10.38 -8.31 2.62
N PRO C 31 -9.56 -7.30 2.90
CA PRO C 31 -8.66 -7.40 4.06
C PRO C 31 -9.42 -7.51 5.37
N ARG C 32 -8.87 -8.28 6.31
CA ARG C 32 -9.41 -8.35 7.67
C ARG C 32 -8.28 -8.21 8.66
N PHE C 33 -8.46 -7.31 9.63
CA PHE C 33 -7.40 -7.04 10.61
C PHE C 33 -7.42 -8.04 11.76
N GLU C 34 -8.61 -8.33 12.30
CA GLU C 34 -8.69 -9.19 13.47
C GLU C 34 -8.44 -10.64 13.10
N ILE C 35 -7.65 -11.33 13.93
CA ILE C 35 -7.36 -12.74 13.68
C ILE C 35 -8.58 -13.59 13.94
N LYS C 36 -9.16 -13.49 15.16
CA LYS C 36 -10.34 -14.26 15.50
C LYS C 36 -11.56 -13.36 15.68
N PRO C 37 -12.76 -13.81 15.29
CA PRO C 37 -13.02 -15.13 14.69
C PRO C 37 -12.59 -15.21 13.23
N TYR C 38 -12.19 -16.41 12.81
CA TYR C 38 -11.82 -16.63 11.42
C TYR C 38 -13.05 -16.55 10.53
N GLU C 39 -12.87 -16.02 9.32
CA GLU C 39 -13.91 -16.11 8.29
C GLU C 39 -13.86 -17.44 7.56
N TYR C 40 -12.66 -18.02 7.39
CA TYR C 40 -12.47 -19.28 6.68
C TYR C 40 -11.77 -20.27 7.59
N PRO C 41 -12.40 -20.67 8.69
CA PRO C 41 -11.73 -21.60 9.63
C PRO C 41 -11.35 -22.92 8.98
N GLU C 42 -12.08 -23.35 7.95
CA GLU C 42 -11.79 -24.62 7.31
C GLU C 42 -10.41 -24.64 6.64
N LEU C 43 -9.85 -23.48 6.29
CA LEU C 43 -8.55 -23.47 5.63
C LEU C 43 -7.39 -23.77 6.58
N LEU C 44 -7.60 -23.62 7.88
CA LEU C 44 -6.50 -23.86 8.83
C LEU C 44 -6.07 -25.32 8.86
N GLU C 45 -6.95 -26.22 8.39
CA GLU C 45 -6.59 -27.63 8.25
C GLU C 45 -5.34 -27.83 7.41
N PHE C 46 -5.10 -26.91 6.46
CA PHE C 46 -3.91 -27.03 5.62
C PHE C 46 -2.65 -26.62 6.35
N LYS C 47 -2.75 -25.68 7.30
CA LYS C 47 -1.62 -25.41 8.20
C LYS C 47 -1.35 -26.62 9.08
N ASP C 48 -2.40 -27.22 9.66
CA ASP C 48 -2.18 -28.41 10.48
C ASP C 48 -1.53 -29.53 9.67
N ALA C 49 -1.97 -29.71 8.42
CA ALA C 49 -1.44 -30.75 7.57
C ALA C 49 0.05 -30.56 7.29
N ILE C 50 0.45 -29.32 6.95
CA ILE C 50 1.85 -29.08 6.62
C ILE C 50 2.74 -29.13 7.88
N ARG C 51 2.16 -28.93 9.05
CA ARG C 51 2.95 -29.12 10.27
C ARG C 51 3.18 -30.59 10.55
N HIS C 52 2.16 -31.42 10.30
CA HIS C 52 2.29 -32.87 10.46
C HIS C 52 3.26 -33.46 9.44
N SER C 53 3.36 -32.86 8.25
CA SER C 53 4.21 -33.36 7.19
C SER C 53 5.64 -32.86 7.27
N TYR C 54 5.94 -31.95 8.20
CA TYR C 54 7.25 -31.31 8.31
C TYR C 54 8.38 -32.34 8.31
N TRP C 55 9.43 -32.05 7.53
CA TRP C 55 10.56 -32.96 7.41
C TRP C 55 11.76 -32.16 6.92
N LEU C 56 12.95 -32.67 7.25
CA LEU C 56 14.22 -32.17 6.74
C LEU C 56 15.01 -33.35 6.18
N HIS C 57 15.74 -33.12 5.09
CA HIS C 57 16.47 -34.22 4.47
C HIS C 57 17.49 -34.81 5.42
N THR C 58 17.93 -34.04 6.41
CA THR C 58 18.84 -34.55 7.42
C THR C 58 18.22 -35.64 8.29
N GLU C 59 16.91 -35.89 8.18
CA GLU C 59 16.28 -37.01 8.88
C GLU C 59 16.53 -38.35 8.22
N PHE C 60 17.02 -38.35 6.99
CA PHE C 60 17.23 -39.57 6.23
C PHE C 60 18.72 -39.80 6.02
N ASN C 61 19.05 -41.03 5.66
CA ASN C 61 20.40 -41.42 5.31
C ASN C 61 20.47 -41.66 3.81
N PHE C 62 21.49 -41.10 3.17
CA PHE C 62 21.63 -41.23 1.72
C PHE C 62 22.89 -41.97 1.31
N THR C 63 23.62 -42.54 2.28
CA THR C 63 24.84 -43.28 1.95
C THR C 63 24.55 -44.40 0.96
N GLY C 64 23.53 -45.23 1.26
CA GLY C 64 23.20 -46.32 0.37
C GLY C 64 22.76 -45.86 -0.99
N ASP C 65 22.07 -44.72 -1.05
CA ASP C 65 21.65 -44.16 -2.34
C ASP C 65 22.86 -43.80 -3.21
N ILE C 66 23.87 -43.19 -2.60
CA ILE C 66 25.08 -42.83 -3.35
C ILE C 66 25.78 -44.09 -3.84
N GLN C 67 25.85 -45.11 -2.99
CA GLN C 67 26.42 -46.39 -3.42
C GLN C 67 25.58 -47.04 -4.50
N ASP C 68 24.24 -46.99 -4.38
CA ASP C 68 23.38 -47.53 -5.42
C ASP C 68 23.63 -46.85 -6.75
N PHE C 69 23.77 -45.52 -6.72
CA PHE C 69 23.98 -44.74 -7.95
C PHE C 69 25.30 -45.12 -8.61
N ARG C 70 26.32 -45.39 -7.80
CA ARG C 70 27.67 -45.65 -8.32
C ARG C 70 27.89 -47.09 -8.73
N THR C 71 27.20 -48.07 -8.12
CA THR C 71 27.57 -49.47 -8.30
C THR C 71 26.43 -50.46 -8.48
N HIS C 72 25.16 -50.06 -8.35
CA HIS C 72 24.07 -51.04 -8.37
C HIS C 72 23.06 -50.81 -9.49
N ILE C 73 23.33 -49.91 -10.44
CA ILE C 73 22.38 -49.62 -11.49
C ILE C 73 23.06 -49.67 -12.85
N SER C 74 22.24 -49.90 -13.87
CA SER C 74 22.71 -49.92 -15.24
C SER C 74 22.90 -48.49 -15.76
N ASP C 75 23.61 -48.38 -16.89
CA ASP C 75 23.75 -47.08 -17.54
C ASP C 75 22.39 -46.51 -17.93
N VAL C 76 21.48 -47.37 -18.38
CA VAL C 76 20.12 -46.91 -18.70
C VAL C 76 19.47 -46.31 -17.47
N GLU C 77 19.56 -47.03 -16.34
CA GLU C 77 18.95 -46.56 -15.10
C GLU C 77 19.61 -45.27 -14.62
N ARG C 78 20.92 -45.16 -14.79
CA ARG C 78 21.62 -43.95 -14.33
C ARG C 78 21.16 -42.73 -15.13
N ALA C 79 20.93 -42.91 -16.44
CA ALA C 79 20.42 -41.81 -17.25
C ALA C 79 19.03 -41.36 -16.78
N VAL C 80 18.15 -42.32 -16.48
CA VAL C 80 16.81 -42.00 -15.99
C VAL C 80 16.91 -41.22 -14.67
N ILE C 81 17.71 -41.74 -13.74
CA ILE C 81 17.80 -41.09 -12.44
C ILE C 81 18.41 -39.70 -12.56
N THR C 82 19.48 -39.57 -13.35
CA THR C 82 20.13 -38.28 -13.51
C THR C 82 19.15 -37.24 -14.02
N LYS C 83 18.42 -37.57 -15.09
CA LYS C 83 17.52 -36.57 -15.66
C LYS C 83 16.29 -36.34 -14.79
N THR C 84 15.82 -37.38 -14.11
CA THR C 84 14.68 -37.22 -13.20
C THR C 84 15.03 -36.30 -12.04
N MET C 85 16.24 -36.46 -11.48
CA MET C 85 16.65 -35.58 -10.38
C MET C 85 16.92 -34.16 -10.85
N LEU C 86 17.45 -34.00 -12.07
CA LEU C 86 17.60 -32.66 -12.64
C LEU C 86 16.22 -32.02 -12.83
N ALA C 87 15.24 -32.80 -13.30
CA ALA C 87 13.90 -32.26 -13.51
C ALA C 87 13.22 -31.87 -12.20
N ILE C 88 13.33 -32.71 -11.17
CA ILE C 88 12.76 -32.32 -9.87
C ILE C 88 13.42 -31.04 -9.37
N SER C 89 14.75 -31.00 -9.44
CA SER C 89 15.49 -29.87 -8.91
C SER C 89 15.23 -28.59 -9.69
N GLN C 90 14.90 -28.71 -10.99
CA GLN C 90 14.67 -27.49 -11.76
C GLN C 90 13.50 -26.70 -11.18
N ILE C 91 12.53 -27.40 -10.57
CA ILE C 91 11.46 -26.70 -9.85
C ILE C 91 11.83 -26.48 -8.38
N GLU C 92 12.33 -27.51 -7.69
CA GLU C 92 12.46 -27.40 -6.24
C GLU C 92 13.64 -26.52 -5.82
N VAL C 93 14.71 -26.50 -6.61
CA VAL C 93 15.92 -25.71 -6.25
C VAL C 93 15.74 -24.35 -6.93
N SER C 94 14.93 -23.51 -6.29
CA SER C 94 14.58 -22.20 -6.81
C SER C 94 14.04 -21.37 -5.66
N VAL C 95 13.85 -20.09 -5.93
CA VAL C 95 13.19 -19.17 -5.00
C VAL C 95 11.70 -19.23 -5.30
N LYS C 96 10.92 -19.72 -4.34
CA LYS C 96 9.49 -19.99 -4.51
C LYS C 96 8.72 -19.14 -3.50
N ARG C 97 8.19 -18.01 -3.96
CA ARG C 97 7.55 -17.07 -3.05
C ARG C 97 6.04 -16.96 -3.26
N PHE C 98 5.44 -17.75 -4.16
CA PHE C 98 4.02 -17.57 -4.46
C PHE C 98 3.15 -17.76 -3.22
N TRP C 99 3.34 -18.86 -2.47
CA TRP C 99 2.46 -19.08 -1.33
C TRP C 99 2.67 -18.03 -0.26
N GLY C 100 3.91 -17.57 -0.06
CA GLY C 100 4.16 -16.53 0.92
C GLY C 100 3.55 -15.18 0.55
N ASN C 101 3.35 -14.94 -0.75
CA ASN C 101 2.80 -13.68 -1.23
C ASN C 101 1.28 -13.72 -1.35
N LEU C 102 0.64 -14.86 -1.10
CA LEU C 102 -0.79 -15.00 -1.35
C LEU C 102 -1.60 -13.99 -0.54
N TYR C 103 -1.15 -13.68 0.68
CA TYR C 103 -1.83 -12.73 1.54
C TYR C 103 -1.93 -11.34 0.89
N ASN C 104 -1.00 -10.99 -0.01
CA ASN C 104 -1.09 -9.72 -0.71
C ASN C 104 -2.37 -9.64 -1.52
N TYR C 105 -2.89 -10.78 -1.96
CA TYR C 105 -4.11 -10.85 -2.77
C TYR C 105 -5.34 -11.19 -1.96
N PHE C 106 -5.23 -12.15 -1.03
CA PHE C 106 -6.27 -12.52 -0.09
C PHE C 106 -5.79 -12.15 1.31
N PRO C 107 -6.02 -10.93 1.77
CA PRO C 107 -5.37 -10.47 3.01
C PRO C 107 -6.13 -10.87 4.26
N LYS C 108 -6.15 -12.16 4.52
CA LYS C 108 -6.76 -12.80 5.68
C LYS C 108 -5.69 -13.39 6.57
N PRO C 109 -5.81 -13.23 7.87
CA PRO C 109 -4.86 -13.90 8.77
C PRO C 109 -4.72 -15.40 8.49
N GLU C 110 -5.84 -16.10 8.22
CA GLU C 110 -5.75 -17.53 7.98
C GLU C 110 -5.05 -17.85 6.65
N ILE C 111 -5.11 -16.94 5.68
CA ILE C 111 -4.37 -17.15 4.44
C ILE C 111 -2.88 -17.06 4.70
N GLU C 112 -2.46 -16.08 5.49
CA GLU C 112 -1.06 -15.95 5.82
C GLU C 112 -0.57 -17.15 6.62
N ASP C 113 -1.41 -17.69 7.52
CA ASP C 113 -1.02 -18.87 8.28
C ASP C 113 -0.65 -20.02 7.36
N VAL C 114 -1.49 -20.30 6.37
CA VAL C 114 -1.22 -21.40 5.46
C VAL C 114 -0.10 -21.04 4.50
N GLY C 115 -0.19 -19.86 3.88
CA GLY C 115 0.77 -19.49 2.85
C GLY C 115 2.18 -19.38 3.39
N GLY C 116 2.33 -18.73 4.55
CA GLY C 116 3.64 -18.64 5.17
C GLY C 116 4.20 -20.00 5.55
N SER C 117 3.32 -20.90 6.04
CA SER C 117 3.80 -22.24 6.37
C SER C 117 4.18 -23.01 5.11
N PHE C 118 3.42 -22.82 4.02
CA PHE C 118 3.76 -23.46 2.76
C PHE C 118 5.09 -22.97 2.23
N LEU C 119 5.32 -21.66 2.31
CA LEU C 119 6.58 -21.09 1.83
C LEU C 119 7.76 -21.72 2.54
N GLU C 120 7.66 -21.89 3.87
CA GLU C 120 8.77 -22.50 4.59
C GLU C 120 8.97 -23.95 4.16
N SER C 121 7.88 -24.67 3.85
CA SER C 121 8.05 -26.03 3.36
C SER C 121 8.83 -26.05 2.06
N GLU C 122 8.69 -25.01 1.23
CA GLU C 122 9.43 -25.00 -0.03
C GLU C 122 10.91 -24.70 0.18
N ILE C 123 11.25 -23.99 1.26
CA ILE C 123 12.65 -23.85 1.63
C ILE C 123 13.23 -25.19 2.01
N ARG C 124 12.48 -25.98 2.79
CA ARG C 124 12.93 -27.32 3.14
C ARG C 124 13.11 -28.20 1.90
N HIS C 125 12.19 -28.11 0.94
CA HIS C 125 12.36 -28.87 -0.30
C HIS C 125 13.62 -28.45 -1.04
N LYS C 126 13.84 -27.14 -1.16
CA LYS C 126 15.01 -26.63 -1.87
C LYS C 126 16.28 -27.20 -1.26
N ASP C 127 16.37 -27.17 0.08
CA ASP C 127 17.56 -27.69 0.74
C ASP C 127 17.77 -29.17 0.47
N ALA C 128 16.68 -29.95 0.44
CA ALA C 128 16.82 -31.39 0.21
C ALA C 128 17.35 -31.67 -1.19
N TYR C 129 16.79 -31.03 -2.21
CA TYR C 129 17.26 -31.36 -3.55
C TYR C 129 18.58 -30.69 -3.89
N SER C 130 18.91 -29.57 -3.24
CA SER C 130 20.24 -29.01 -3.38
C SER C 130 21.29 -29.94 -2.79
N PHE C 131 21.00 -30.51 -1.63
CA PHE C 131 21.87 -31.53 -1.04
C PHE C 131 22.05 -32.72 -1.98
N LEU C 132 20.94 -33.23 -2.55
CA LEU C 132 21.03 -34.41 -3.39
C LEU C 132 21.76 -34.14 -4.71
N LEU C 133 21.60 -32.95 -5.28
CA LEU C 133 22.39 -32.62 -6.47
C LEU C 133 23.88 -32.68 -6.15
N GLU C 134 24.28 -32.13 -5.01
CA GLU C 134 25.68 -32.15 -4.62
C GLU C 134 26.19 -33.58 -4.44
N LYS C 135 25.45 -34.40 -3.70
CA LYS C 135 25.96 -35.73 -3.36
C LYS C 135 25.94 -36.67 -4.56
N LEU C 136 25.05 -36.44 -5.52
CA LEU C 136 25.01 -37.23 -6.75
C LEU C 136 25.94 -36.70 -7.84
N GLY C 137 26.65 -35.61 -7.57
CA GLY C 137 27.61 -35.06 -8.52
C GLY C 137 27.00 -34.33 -9.68
N LEU C 138 25.82 -33.72 -9.48
CA LEU C 138 25.03 -33.16 -10.58
C LEU C 138 25.04 -31.64 -10.61
N ASN C 139 25.88 -30.99 -9.81
CA ASN C 139 25.86 -29.53 -9.73
C ASN C 139 26.13 -28.89 -11.08
N GLU C 140 27.14 -29.38 -11.80
CA GLU C 140 27.47 -28.79 -13.09
C GLU C 140 26.38 -29.09 -14.12
N MET C 141 25.83 -30.30 -14.11
CA MET C 141 24.72 -30.58 -15.01
C MET C 141 23.54 -29.65 -14.71
N PHE C 142 23.30 -29.37 -13.43
CA PHE C 142 22.18 -28.51 -13.06
C PHE C 142 22.41 -27.05 -13.46
N ARG C 143 23.66 -26.57 -13.34
CA ARG C 143 23.94 -25.20 -13.79
C ARG C 143 23.56 -24.99 -15.25
N ASN C 144 23.64 -26.05 -16.07
CA ASN C 144 23.32 -25.95 -17.50
C ASN C 144 21.97 -26.55 -17.85
N VAL C 145 21.07 -26.71 -16.87
CA VAL C 145 19.82 -27.45 -17.10
C VAL C 145 18.92 -26.74 -18.11
N ARG C 146 19.10 -25.44 -18.32
CA ARG C 146 18.31 -24.74 -19.34
C ARG C 146 18.70 -25.10 -20.76
N GLN C 147 19.79 -25.85 -20.95
CA GLN C 147 20.14 -26.29 -22.30
C GLN C 147 19.15 -27.30 -22.85
N TYR C 148 18.38 -28.00 -21.99
CA TYR C 148 17.52 -29.07 -22.45
C TYR C 148 16.20 -28.51 -22.97
N LYS C 149 15.82 -28.89 -24.19
CA LYS C 149 14.62 -28.33 -24.81
C LYS C 149 13.39 -28.58 -23.97
N ALA C 150 13.31 -29.75 -23.30
CA ALA C 150 12.11 -30.05 -22.52
C ALA C 150 12.04 -29.17 -21.28
N ILE C 151 13.19 -28.83 -20.70
CA ILE C 151 13.21 -27.92 -19.55
C ILE C 151 12.78 -26.53 -19.99
N MET C 152 13.28 -26.06 -21.14
CA MET C 152 12.84 -24.77 -21.66
C MET C 152 11.33 -24.74 -21.89
N ALA C 153 10.75 -25.87 -22.34
CA ALA C 153 9.31 -25.91 -22.54
C ALA C 153 8.57 -25.72 -21.23
N ARG C 154 9.10 -26.31 -20.15
CA ARG C 154 8.52 -26.13 -18.83
C ARG C 154 8.66 -24.71 -18.34
N ILE C 155 9.85 -24.12 -18.50
CA ILE C 155 10.05 -22.74 -18.09
C ILE C 155 9.05 -21.84 -18.79
N GLU C 156 8.82 -22.10 -20.08
CA GLU C 156 7.90 -21.29 -20.88
C GLU C 156 6.49 -21.33 -20.31
N TYR C 157 5.97 -22.52 -19.98
CA TYR C 157 4.60 -22.52 -19.46
C TYR C 157 4.52 -21.97 -18.05
N MET C 158 5.56 -22.20 -17.24
CA MET C 158 5.51 -21.67 -15.88
C MET C 158 5.54 -20.15 -15.88
N GLU C 159 6.28 -19.54 -16.81
CA GLU C 159 6.23 -18.10 -16.95
C GLU C 159 4.89 -17.65 -17.52
N ALA C 160 4.32 -18.45 -18.45
CA ALA C 160 3.01 -18.12 -19.00
C ALA C 160 1.92 -18.14 -17.93
N PHE C 161 2.02 -19.10 -17.00
CA PHE C 161 1.04 -19.20 -15.92
C PHE C 161 0.98 -17.92 -15.09
N MET C 162 2.13 -17.26 -14.88
CA MET C 162 2.27 -16.20 -13.90
C MET C 162 2.34 -14.79 -14.47
N ARG C 163 2.51 -14.64 -15.78
CA ARG C 163 2.92 -13.36 -16.38
CA ARG C 163 2.98 -13.34 -16.24
C ARG C 163 1.93 -12.24 -16.07
N LYS C 164 0.63 -12.57 -16.05
CA LYS C 164 -0.40 -11.55 -15.87
C LYS C 164 -1.00 -11.53 -14.48
N LYS C 165 -0.36 -12.16 -13.49
CA LYS C 165 -1.04 -12.40 -12.22
C LYS C 165 -1.41 -11.11 -11.50
N ASP C 166 -0.73 -10.00 -11.79
CA ASP C 166 -1.01 -8.74 -11.11
C ASP C 166 -1.84 -7.80 -11.96
N VAL C 167 -2.37 -8.26 -13.08
CA VAL C 167 -3.11 -7.37 -13.98
C VAL C 167 -4.54 -7.17 -13.49
N SER C 168 -5.18 -8.21 -12.96
CA SER C 168 -6.56 -8.09 -12.51
C SER C 168 -6.86 -9.23 -11.55
N GLN C 169 -8.00 -9.12 -10.84
CA GLN C 169 -8.43 -10.23 -9.98
C GLN C 169 -8.61 -11.51 -10.77
N GLN C 170 -9.22 -11.41 -11.96
CA GLN C 170 -9.46 -12.59 -12.78
C GLN C 170 -8.14 -13.22 -13.20
N ASP C 171 -7.18 -12.40 -13.64
CA ASP C 171 -5.88 -12.93 -14.04
C ASP C 171 -5.14 -13.55 -12.85
N PHE C 172 -5.24 -12.94 -11.66
CA PHE C 172 -4.62 -13.56 -10.51
C PHE C 172 -5.22 -14.92 -10.23
N VAL C 173 -6.55 -15.01 -10.27
CA VAL C 173 -7.20 -16.29 -9.97
C VAL C 173 -6.80 -17.34 -11.00
N LEU C 174 -6.66 -16.95 -12.26
CA LEU C 174 -6.18 -17.90 -13.27
C LEU C 174 -4.79 -18.39 -12.94
N SER C 175 -3.89 -17.47 -12.56
CA SER C 175 -2.55 -17.89 -12.16
C SER C 175 -2.58 -18.81 -10.94
N LEU C 176 -3.41 -18.48 -9.96
CA LEU C 176 -3.53 -19.32 -8.77
C LEU C 176 -4.03 -20.72 -9.13
N VAL C 177 -5.03 -20.81 -10.01
CA VAL C 177 -5.56 -22.10 -10.43
C VAL C 177 -4.53 -22.91 -11.21
N MET C 178 -3.83 -22.27 -12.15
CA MET C 178 -2.83 -22.99 -12.94
C MET C 178 -1.70 -23.47 -12.05
N PHE C 179 -1.25 -22.62 -11.13
CA PHE C 179 -0.17 -22.99 -10.23
C PHE C 179 -0.59 -24.16 -9.33
N SER C 180 -1.79 -24.09 -8.77
CA SER C 180 -2.24 -25.09 -7.81
C SER C 180 -2.51 -26.43 -8.49
N LEU C 181 -3.38 -26.42 -9.50
CA LEU C 181 -3.88 -27.65 -10.04
C LEU C 181 -2.94 -28.28 -11.05
N PHE C 182 -1.95 -27.54 -11.53
CA PHE C 182 -0.98 -28.13 -12.45
CA PHE C 182 -0.98 -28.13 -12.45
C PHE C 182 0.44 -28.09 -11.91
N VAL C 183 0.97 -26.93 -11.54
CA VAL C 183 2.35 -26.95 -11.04
C VAL C 183 2.45 -27.81 -9.78
N GLU C 184 1.59 -27.55 -8.80
CA GLU C 184 1.74 -28.27 -7.53
C GLU C 184 1.26 -29.72 -7.62
N HIS C 185 0.20 -30.00 -8.37
CA HIS C 185 -0.35 -31.35 -8.41
C HIS C 185 0.13 -32.20 -9.57
N ILE C 186 0.79 -31.64 -10.57
CA ILE C 186 1.11 -32.44 -11.74
C ILE C 186 2.59 -32.39 -12.10
N SER C 187 3.19 -31.18 -12.13
CA SER C 187 4.49 -30.99 -12.77
C SER C 187 5.53 -32.02 -12.32
N LEU C 188 5.64 -32.22 -11.01
CA LEU C 188 6.70 -33.08 -10.48
C LEU C 188 6.30 -34.54 -10.34
N PHE C 189 5.03 -34.87 -10.55
CA PHE C 189 4.58 -36.18 -10.07
C PHE C 189 5.06 -37.33 -10.95
N SER C 190 5.30 -37.12 -12.25
CA SER C 190 5.92 -38.19 -13.03
C SER C 190 7.30 -38.51 -12.49
N GLN C 191 8.03 -37.50 -12.01
CA GLN C 191 9.37 -37.72 -11.49
C GLN C 191 9.32 -38.39 -10.13
N PHE C 192 8.36 -38.00 -9.30
CA PHE C 192 8.20 -38.65 -8.00
C PHE C 192 7.90 -40.14 -8.15
N VAL C 193 7.02 -40.50 -9.10
CA VAL C 193 6.69 -41.91 -9.32
C VAL C 193 7.93 -42.67 -9.79
N ILE C 194 8.72 -42.06 -10.68
CA ILE C 194 9.92 -42.71 -11.19
C ILE C 194 10.88 -43.01 -10.05
N MET C 195 11.17 -42.02 -9.21
CA MET C 195 12.17 -42.22 -8.17
C MET C 195 11.70 -43.26 -7.15
N MET C 196 10.45 -43.17 -6.70
CA MET C 196 9.99 -44.14 -5.71
C MET C 196 9.85 -45.54 -6.30
N SER C 197 9.70 -45.67 -7.62
CA SER C 197 9.59 -47.00 -8.21
C SER C 197 10.87 -47.81 -8.06
N PHE C 198 12.03 -47.15 -7.99
CA PHE C 198 13.27 -47.88 -7.76
C PHE C 198 13.25 -48.63 -6.43
N ASN C 199 12.74 -47.99 -5.37
CA ASN C 199 12.65 -48.67 -4.09
C ASN C 199 11.57 -49.74 -4.12
N LYS C 200 10.41 -49.41 -4.69
CA LYS C 200 9.29 -50.35 -4.73
C LYS C 200 9.68 -51.65 -5.41
N HIS C 201 10.39 -51.56 -6.54
CA HIS C 201 10.63 -52.74 -7.37
C HIS C 201 12.00 -53.36 -7.18
N LYS C 202 13.00 -52.59 -6.71
CA LYS C 202 14.35 -53.10 -6.59
C LYS C 202 14.99 -52.84 -5.24
N ASN C 203 14.26 -52.27 -4.29
CA ASN C 203 14.80 -51.91 -2.98
C ASN C 203 16.07 -51.08 -3.09
N LEU C 204 16.14 -50.24 -4.11
CA LEU C 204 17.23 -49.28 -4.26
C LEU C 204 16.76 -47.88 -3.92
N PHE C 205 17.72 -47.00 -3.65
CA PHE C 205 17.46 -45.57 -3.40
C PHE C 205 16.42 -45.38 -2.30
N LYS C 206 16.67 -46.00 -1.15
CA LYS C 206 15.74 -45.90 -0.04
C LYS C 206 15.67 -44.49 0.53
N GLY C 207 16.81 -43.80 0.61
CA GLY C 207 16.82 -42.47 1.18
C GLY C 207 16.14 -41.46 0.27
N ILE C 208 16.45 -41.49 -1.02
CA ILE C 208 15.78 -40.63 -1.97
C ILE C 208 14.28 -40.95 -2.01
N SER C 209 13.93 -42.24 -1.91
CA SER C 209 12.53 -42.61 -1.84
C SER C 209 11.84 -41.90 -0.67
N ASN C 210 12.48 -41.92 0.51
CA ASN C 210 11.89 -41.27 1.68
C ASN C 210 11.73 -39.76 1.44
N ALA C 211 12.73 -39.14 0.84
CA ALA C 211 12.65 -37.70 0.58
C ALA C 211 11.57 -37.40 -0.46
N VAL C 212 11.49 -38.21 -1.52
CA VAL C 212 10.48 -37.98 -2.54
C VAL C 212 9.08 -38.22 -1.99
N GLU C 213 8.91 -39.25 -1.16
CA GLU C 213 7.62 -39.47 -0.52
C GLU C 213 7.21 -38.28 0.32
N ALA C 214 8.15 -37.76 1.12
CA ALA C 214 7.83 -36.62 1.98
C ALA C 214 7.51 -35.38 1.16
N THR C 215 8.24 -35.16 0.06
CA THR C 215 7.97 -34.03 -0.83
C THR C 215 6.60 -34.18 -1.47
N SER C 216 6.32 -35.38 -1.98
CA SER C 216 5.03 -35.69 -2.62
C SER C 216 3.87 -35.36 -1.70
N LYS C 217 3.95 -35.77 -0.44
CA LYS C 217 2.87 -35.50 0.49
C LYS C 217 2.67 -34.00 0.66
N GLU C 218 3.74 -33.22 0.67
CA GLU C 218 3.56 -31.79 0.87
C GLU C 218 3.05 -31.10 -0.40
N GLU C 219 3.47 -31.56 -1.59
CA GLU C 219 2.94 -30.99 -2.82
C GLU C 219 1.46 -31.34 -2.99
N GLU C 220 1.06 -32.53 -2.55
CA GLU C 220 -0.37 -32.87 -2.51
C GLU C 220 -1.15 -31.88 -1.66
N ILE C 221 -0.61 -31.56 -0.48
CA ILE C 221 -1.26 -30.58 0.39
C ILE C 221 -1.33 -29.21 -0.29
N HIS C 222 -0.21 -28.78 -0.89
CA HIS C 222 -0.19 -27.47 -1.54
C HIS C 222 -1.27 -27.36 -2.61
N GLY C 223 -1.36 -28.37 -3.47
CA GLY C 223 -2.36 -28.32 -4.53
C GLY C 223 -3.78 -28.38 -3.99
N ARG C 224 -4.01 -29.16 -2.94
CA ARG C 224 -5.35 -29.26 -2.38
C ARG C 224 -5.80 -27.94 -1.78
N PHE C 225 -4.87 -27.15 -1.23
CA PHE C 225 -5.22 -25.82 -0.77
C PHE C 225 -5.75 -24.96 -1.92
N GLY C 226 -5.07 -25.01 -3.06
CA GLY C 226 -5.51 -24.23 -4.20
C GLY C 226 -6.87 -24.66 -4.70
N ILE C 227 -7.13 -25.97 -4.69
CA ILE C 227 -8.45 -26.48 -5.05
C ILE C 227 -9.51 -25.91 -4.11
N SER C 228 -9.26 -25.94 -2.80
CA SER C 228 -10.23 -25.35 -1.87
C SER C 228 -10.45 -23.88 -2.17
N LEU C 229 -9.39 -23.13 -2.47
CA LEU C 229 -9.57 -21.72 -2.79
C LEU C 229 -10.41 -21.56 -4.05
N TYR C 230 -10.17 -22.41 -5.05
CA TYR C 230 -10.97 -22.36 -6.28
C TYR C 230 -12.46 -22.52 -5.98
N HIS C 231 -12.81 -23.54 -5.20
CA HIS C 231 -14.23 -23.76 -4.89
C HIS C 231 -14.82 -22.56 -4.16
N LEU C 232 -14.07 -21.98 -3.23
CA LEU C 232 -14.54 -20.78 -2.55
C LEU C 232 -14.75 -19.62 -3.53
N LEU C 233 -13.78 -19.41 -4.43
CA LEU C 233 -13.87 -18.29 -5.36
C LEU C 233 -15.03 -18.49 -6.34
N ARG C 234 -15.28 -19.73 -6.76
CA ARG C 234 -16.39 -19.99 -7.68
C ARG C 234 -17.72 -19.65 -7.04
N GLU C 235 -17.86 -19.91 -5.73
CA GLU C 235 -19.09 -19.55 -5.02
C GLU C 235 -19.18 -18.06 -4.74
N GLU C 236 -18.05 -17.44 -4.35
CA GLU C 236 -18.01 -16.04 -3.93
C GLU C 236 -18.07 -15.08 -5.11
N GLN C 237 -17.27 -15.32 -6.15
CA GLN C 237 -17.14 -14.39 -7.27
C GLN C 237 -17.27 -15.13 -8.58
N PRO C 238 -18.46 -15.69 -8.86
CA PRO C 238 -18.64 -16.44 -10.11
C PRO C 238 -18.40 -15.62 -11.35
N GLU C 239 -18.47 -14.30 -11.26
CA GLU C 239 -18.29 -13.45 -12.43
C GLU C 239 -16.86 -13.49 -12.96
N LEU C 240 -15.91 -14.01 -12.19
CA LEU C 240 -14.56 -14.21 -12.71
C LEU C 240 -14.47 -15.38 -13.66
N PHE C 241 -15.36 -16.36 -13.55
CA PHE C 241 -15.22 -17.64 -14.22
C PHE C 241 -16.06 -17.66 -15.50
N THR C 242 -15.59 -16.86 -16.44
CA THR C 242 -16.24 -16.65 -17.72
C THR C 242 -15.80 -17.71 -18.73
N ASP C 243 -16.50 -17.77 -19.86
CA ASP C 243 -16.07 -18.64 -20.95
C ASP C 243 -14.63 -18.34 -21.34
N GLU C 244 -14.26 -17.06 -21.33
CA GLU C 244 -12.91 -16.68 -21.72
C GLU C 244 -11.90 -17.17 -20.70
N PHE C 245 -12.26 -17.13 -19.41
CA PHE C 245 -11.39 -17.66 -18.37
C PHE C 245 -11.07 -19.14 -18.62
N TYR C 246 -12.11 -19.94 -18.87
CA TYR C 246 -11.86 -21.36 -19.06
C TYR C 246 -11.18 -21.65 -20.39
N ALA C 247 -11.42 -20.83 -21.41
CA ALA C 247 -10.72 -21.03 -22.67
C ALA C 247 -9.22 -20.83 -22.48
N GLU C 248 -8.84 -19.78 -21.77
CA GLU C 248 -7.43 -19.53 -21.52
C GLU C 248 -6.84 -20.60 -20.61
N LEU C 249 -7.61 -21.05 -19.62
CA LEU C 249 -7.16 -22.12 -18.74
C LEU C 249 -6.85 -23.39 -19.53
N LYS C 250 -7.77 -23.78 -20.42
CA LYS C 250 -7.56 -25.00 -21.20
C LYS C 250 -6.32 -24.90 -22.07
N GLU C 251 -6.04 -23.72 -22.63
CA GLU C 251 -4.87 -23.58 -23.50
C GLU C 251 -3.58 -23.66 -22.68
N LEU C 252 -3.57 -23.01 -21.52
CA LEU C 252 -2.41 -23.08 -20.63
C LEU C 252 -2.19 -24.50 -20.12
N ALA C 253 -3.28 -25.19 -19.76
CA ALA C 253 -3.14 -26.55 -19.23
C ALA C 253 -2.58 -27.49 -20.29
N GLU C 254 -3.03 -27.32 -21.53
CA GLU C 254 -2.53 -28.16 -22.62
C GLU C 254 -1.07 -27.87 -22.90
N GLN C 255 -0.69 -26.59 -22.90
CA GLN C 255 0.72 -26.24 -23.03
C GLN C 255 1.55 -26.89 -21.94
N ALA C 256 1.07 -26.84 -20.69
CA ALA C 256 1.82 -27.43 -19.59
C ALA C 256 1.89 -28.95 -19.71
N PHE C 257 0.79 -29.60 -20.07
CA PHE C 257 0.85 -31.05 -20.14
C PHE C 257 1.76 -31.50 -21.27
N ASN C 258 1.75 -30.78 -22.40
CA ASN C 258 2.64 -31.14 -23.50
C ASN C 258 4.09 -31.02 -23.06
N ALA C 259 4.40 -29.99 -22.27
CA ALA C 259 5.76 -29.82 -21.76
C ALA C 259 6.12 -30.96 -20.82
N GLU C 260 5.19 -31.37 -19.96
CA GLU C 260 5.55 -32.45 -19.04
C GLU C 260 5.65 -33.79 -19.76
N LYS C 261 4.92 -33.95 -20.87
CA LYS C 261 5.17 -35.12 -21.71
C LYS C 261 6.56 -35.04 -22.35
N ALA C 262 6.99 -33.83 -22.74
CA ALA C 262 8.35 -33.68 -23.27
C ALA C 262 9.40 -33.99 -22.20
N ILE C 263 9.15 -33.58 -20.96
CA ILE C 263 10.07 -33.95 -19.87
C ILE C 263 10.15 -35.47 -19.73
N LEU C 264 9.02 -36.16 -19.77
CA LEU C 264 9.04 -37.63 -19.68
C LEU C 264 9.75 -38.26 -20.87
N ASP C 265 9.48 -37.75 -22.08
CA ASP C 265 10.21 -38.25 -23.25
C ASP C 265 11.71 -38.11 -23.07
N TRP C 266 12.14 -36.94 -22.58
CA TRP C 266 13.55 -36.69 -22.33
C TRP C 266 14.11 -37.64 -21.28
N ILE C 267 13.40 -37.80 -20.15
CA ILE C 267 13.89 -38.67 -19.08
C ILE C 267 14.17 -40.07 -19.60
N PHE C 268 13.32 -40.59 -20.48
CA PHE C 268 13.44 -41.97 -20.94
C PHE C 268 14.05 -42.11 -22.33
N GLU C 269 14.62 -41.04 -22.89
CA GLU C 269 15.01 -41.13 -24.29
C GLU C 269 16.21 -42.03 -24.54
N ASP C 270 16.93 -42.45 -23.49
CA ASP C 270 18.02 -43.42 -23.65
C ASP C 270 17.61 -44.84 -23.30
N GLY C 271 16.35 -45.06 -22.96
CA GLY C 271 15.85 -46.39 -22.69
C GLY C 271 14.93 -46.38 -21.48
N GLU C 272 13.97 -47.28 -21.47
CA GLU C 272 13.01 -47.37 -20.39
C GLU C 272 13.47 -48.39 -19.35
N LEU C 273 12.80 -48.36 -18.20
CA LEU C 273 13.14 -49.25 -17.10
C LEU C 273 12.47 -50.60 -17.27
N SER C 274 13.16 -51.65 -16.80
CA SER C 274 12.60 -52.99 -16.89
C SER C 274 11.34 -53.12 -16.04
N PHE C 275 11.22 -52.31 -14.99
CA PHE C 275 10.14 -52.41 -14.02
C PHE C 275 9.11 -51.30 -14.13
N LEU C 276 9.29 -50.35 -15.06
CA LEU C 276 8.36 -49.22 -15.16
C LEU C 276 8.50 -48.63 -16.55
N SER C 277 7.46 -48.76 -17.36
CA SER C 277 7.53 -48.23 -18.71
C SER C 277 7.16 -46.75 -18.73
N LYS C 278 7.63 -46.05 -19.77
CA LYS C 278 7.22 -44.67 -19.97
C LYS C 278 5.71 -44.57 -20.13
N ALA C 279 5.11 -45.53 -20.86
CA ALA C 279 3.68 -45.50 -21.09
C ALA C 279 2.91 -45.55 -19.77
N THR C 280 3.39 -46.37 -18.83
CA THR C 280 2.73 -46.45 -17.53
C THR C 280 2.83 -45.11 -16.80
N VAL C 281 3.98 -44.44 -16.88
CA VAL C 281 4.10 -43.15 -16.21
C VAL C 281 3.23 -42.11 -16.90
N GLU C 282 3.22 -42.10 -18.24
CA GLU C 282 2.36 -41.18 -18.98
C GLU C 282 0.90 -41.37 -18.60
N ASN C 283 0.47 -42.62 -18.51
CA ASN C 283 -0.92 -42.92 -18.14
C ASN C 283 -1.23 -42.37 -16.76
N TYR C 284 -0.28 -42.48 -15.82
CA TYR C 284 -0.49 -41.97 -14.47
C TYR C 284 -0.72 -40.47 -14.47
N ILE C 285 0.15 -39.70 -15.14
CA ILE C 285 -0.04 -38.25 -15.09
C ILE C 285 -1.18 -37.80 -16.01
N ALA C 286 -1.45 -38.52 -17.10
CA ALA C 286 -2.65 -38.22 -17.88
C ALA C 286 -3.90 -38.35 -17.02
N ASN C 287 -3.94 -39.36 -16.15
CA ASN C 287 -5.10 -39.51 -15.26
C ASN C 287 -5.18 -38.35 -14.28
N ARG C 288 -4.04 -37.91 -13.72
CA ARG C 288 -4.06 -36.77 -12.80
C ARG C 288 -4.51 -35.51 -13.52
N TYR C 289 -4.04 -35.32 -14.76
CA TYR C 289 -4.44 -34.17 -15.57
C TYR C 289 -5.95 -34.18 -15.81
N ASN C 290 -6.50 -35.33 -16.23
CA ASN C 290 -7.94 -35.50 -16.33
C ASN C 290 -8.63 -35.10 -15.03
N ASN C 291 -8.10 -35.54 -13.90
CA ASN C 291 -8.75 -35.29 -12.61
C ASN C 291 -8.74 -33.80 -12.28
N SER C 292 -7.64 -33.10 -12.59
CA SER C 292 -7.62 -31.66 -12.38
C SER C 292 -8.68 -30.96 -13.23
N LEU C 293 -8.85 -31.42 -14.47
CA LEU C 293 -9.89 -30.84 -15.31
C LEU C 293 -11.29 -31.10 -14.74
N VAL C 294 -11.54 -32.32 -14.26
CA VAL C 294 -12.85 -32.65 -13.71
C VAL C 294 -13.11 -31.87 -12.43
N THR C 295 -12.09 -31.73 -11.58
CA THR C 295 -12.19 -30.87 -10.40
C THR C 295 -12.65 -29.47 -10.78
N LEU C 296 -12.14 -28.94 -11.89
CA LEU C 296 -12.52 -27.61 -12.37
C LEU C 296 -13.89 -27.59 -13.02
N GLY C 297 -14.54 -28.73 -13.18
CA GLY C 297 -15.80 -28.78 -13.90
C GLY C 297 -15.67 -28.97 -15.39
N LEU C 298 -14.50 -29.35 -15.89
CA LEU C 298 -14.28 -29.55 -17.31
C LEU C 298 -14.27 -31.03 -17.63
N GLU C 299 -14.22 -31.33 -18.93
CA GLU C 299 -14.24 -32.72 -19.37
C GLU C 299 -12.82 -33.29 -19.40
N PRO C 300 -12.67 -34.56 -19.04
CA PRO C 300 -11.36 -35.21 -19.20
C PRO C 300 -10.98 -35.29 -20.67
N ILE C 301 -9.67 -35.28 -20.92
CA ILE C 301 -9.14 -35.24 -22.28
C ILE C 301 -8.73 -36.62 -22.77
N TYR C 302 -8.08 -37.40 -21.92
CA TYR C 302 -7.35 -38.59 -22.33
C TYR C 302 -8.08 -39.87 -21.95
N ASN C 303 -8.02 -40.85 -22.84
CA ASN C 303 -8.38 -42.22 -22.48
C ASN C 303 -7.32 -42.83 -21.57
N ILE C 304 -7.76 -43.42 -20.46
CA ILE C 304 -6.85 -43.94 -19.44
C ILE C 304 -6.92 -45.47 -19.43
N SER C 305 -5.75 -46.10 -19.32
CA SER C 305 -5.66 -47.56 -19.20
C SER C 305 -5.88 -47.99 -17.75
N PRO C 306 -6.94 -48.74 -17.46
CA PRO C 306 -7.09 -49.24 -16.08
C PRO C 306 -5.99 -50.19 -15.65
N ALA C 307 -5.46 -51.01 -16.56
CA ALA C 307 -4.38 -51.94 -16.20
C ALA C 307 -3.13 -51.19 -15.75
N GLN C 308 -2.76 -50.13 -16.48
CA GLN C 308 -1.58 -49.35 -16.08
C GLN C 308 -1.84 -48.56 -14.81
N LEU C 309 -3.06 -48.05 -14.60
CA LEU C 309 -3.36 -47.41 -13.32
C LEU C 309 -3.17 -48.38 -12.16
N LYS C 310 -3.51 -49.66 -12.37
CA LYS C 310 -3.30 -50.64 -11.31
C LYS C 310 -1.82 -50.83 -11.03
N GLU C 311 -0.98 -50.65 -12.05
CA GLU C 311 0.46 -50.83 -11.89
C GLU C 311 1.08 -49.73 -11.04
N THR C 312 0.48 -48.54 -11.00
CA THR C 312 1.00 -47.44 -10.20
C THR C 312 0.14 -47.14 -8.98
N GLU C 313 -0.91 -47.93 -8.72
CA GLU C 313 -1.81 -47.60 -7.61
C GLU C 313 -1.09 -47.56 -6.27
N TRP C 314 -0.04 -48.38 -6.11
CA TRP C 314 0.73 -48.38 -4.87
C TRP C 314 1.25 -47.00 -4.53
N PHE C 315 1.57 -46.19 -5.55
CA PHE C 315 2.14 -44.88 -5.30
C PHE C 315 1.12 -43.96 -4.64
N ASP C 316 -0.10 -43.91 -5.18
CA ASP C 316 -1.12 -43.06 -4.57
C ASP C 316 -1.49 -43.57 -3.18
N ILE C 317 -1.44 -44.89 -2.97
CA ILE C 317 -1.71 -45.43 -1.64
C ILE C 317 -0.65 -44.96 -0.65
N GLU C 318 0.62 -44.98 -1.07
CA GLU C 318 1.69 -44.55 -0.17
C GLU C 318 1.57 -43.07 0.16
N ILE C 319 1.22 -42.24 -0.82
CA ILE C 319 1.21 -40.80 -0.59
C ILE C 319 0.00 -40.38 0.23
N LEU C 320 -1.13 -41.04 0.05
CA LEU C 320 -2.36 -40.62 0.71
C LEU C 320 -2.56 -41.27 2.08
N SER C 321 -1.61 -42.06 2.56
CA SER C 321 -1.74 -42.65 3.89
C SER C 321 -0.43 -42.56 4.66
N LYS D 25 31.89 -6.46 -6.28
CA LYS D 25 31.57 -6.56 -4.85
C LYS D 25 30.08 -6.84 -4.63
N ARG D 26 29.78 -7.64 -3.61
CA ARG D 26 28.40 -7.96 -3.29
C ARG D 26 27.68 -6.74 -2.73
N SER D 27 26.37 -6.66 -3.02
CA SER D 27 25.50 -5.61 -2.49
C SER D 27 24.15 -6.21 -2.15
N LEU D 28 23.66 -5.93 -0.93
CA LEU D 28 22.41 -6.55 -0.48
C LEU D 28 21.21 -6.12 -1.31
N PHE D 29 21.24 -4.91 -1.87
CA PHE D 29 20.11 -4.40 -2.63
C PHE D 29 20.01 -4.95 -4.05
N THR D 30 21.03 -5.65 -4.53
CA THR D 30 21.03 -6.09 -5.93
C THR D 30 20.39 -7.47 -6.08
N PRO D 31 19.39 -7.62 -6.94
CA PRO D 31 18.79 -8.95 -7.15
C PRO D 31 19.82 -9.93 -7.70
N ARG D 32 19.67 -11.19 -7.28
CA ARG D 32 20.46 -12.29 -7.82
C ARG D 32 19.54 -13.46 -8.08
N PHE D 33 19.59 -14.00 -9.30
CA PHE D 33 18.73 -15.11 -9.70
C PHE D 33 19.30 -16.47 -9.30
N GLU D 34 20.59 -16.69 -9.52
CA GLU D 34 21.16 -18.00 -9.25
C GLU D 34 21.35 -18.20 -7.74
N ILE D 35 20.96 -19.38 -7.26
CA ILE D 35 21.08 -19.67 -5.84
C ILE D 35 22.55 -19.80 -5.44
N LYS D 36 23.26 -20.75 -6.04
CA LYS D 36 24.67 -20.97 -5.79
C LYS D 36 25.49 -20.43 -6.96
N PRO D 37 26.67 -19.84 -6.70
CA PRO D 37 27.25 -19.70 -5.36
C PRO D 37 26.61 -18.58 -4.54
N TYR D 38 26.46 -18.77 -3.24
CA TYR D 38 25.92 -17.73 -2.39
C TYR D 38 26.86 -16.53 -2.33
N GLU D 39 26.28 -15.34 -2.19
CA GLU D 39 27.07 -14.15 -1.93
C GLU D 39 27.26 -13.89 -0.44
N TYR D 40 26.27 -14.24 0.37
CA TYR D 40 26.35 -14.07 1.83
C TYR D 40 26.06 -15.40 2.50
N PRO D 41 26.94 -16.39 2.31
CA PRO D 41 26.70 -17.71 2.90
C PRO D 41 26.64 -17.69 4.42
N GLU D 42 27.29 -16.71 5.06
CA GLU D 42 27.29 -16.63 6.51
C GLU D 42 25.90 -16.35 7.05
N LEU D 43 25.04 -15.70 6.27
CA LEU D 43 23.68 -15.44 6.74
C LEU D 43 22.86 -16.71 6.86
N LEU D 44 23.22 -17.78 6.15
CA LEU D 44 22.46 -19.01 6.24
C LEU D 44 22.54 -19.64 7.63
N GLU D 45 23.52 -19.23 8.46
CA GLU D 45 23.59 -19.69 9.83
C GLU D 45 22.33 -19.31 10.62
N PHE D 46 21.65 -18.24 10.21
CA PHE D 46 20.42 -17.85 10.88
C PHE D 46 19.27 -18.78 10.52
N LYS D 47 19.28 -19.33 9.29
CA LYS D 47 18.34 -20.39 8.97
C LYS D 47 18.63 -21.64 9.78
N ASP D 48 19.92 -22.01 9.89
CA ASP D 48 20.27 -23.15 10.73
C ASP D 48 19.78 -22.95 12.15
N ALA D 49 19.93 -21.74 12.68
CA ALA D 49 19.59 -21.47 14.06
C ALA D 49 18.10 -21.59 14.30
N ILE D 50 17.28 -21.02 13.40
CA ILE D 50 15.83 -21.07 13.58
C ILE D 50 15.29 -22.47 13.33
N ARG D 51 16.00 -23.31 12.57
CA ARG D 51 15.60 -24.70 12.47
C ARG D 51 15.88 -25.46 13.75
N HIS D 52 16.99 -25.13 14.41
CA HIS D 52 17.30 -25.78 15.68
C HIS D 52 16.36 -25.33 16.79
N SER D 53 15.87 -24.08 16.73
CA SER D 53 14.99 -23.54 17.77
C SER D 53 13.52 -23.89 17.56
N TYR D 54 13.18 -24.52 16.43
CA TYR D 54 11.79 -24.82 16.06
C TYR D 54 11.03 -25.49 17.21
N TRP D 55 9.82 -25.00 17.45
CA TRP D 55 8.97 -25.53 18.50
C TRP D 55 7.51 -25.21 18.18
N LEU D 56 6.62 -26.05 18.71
CA LEU D 56 5.18 -25.80 18.66
C LEU D 56 4.63 -25.84 20.08
N HIS D 57 3.57 -25.08 20.33
CA HIS D 57 3.07 -25.05 21.71
C HIS D 57 2.53 -26.40 22.12
N THR D 58 2.17 -27.25 21.15
CA THR D 58 1.70 -28.58 21.45
C THR D 58 2.79 -29.50 22.00
N GLU D 59 4.05 -29.06 22.03
CA GLU D 59 5.11 -29.80 22.70
C GLU D 59 5.05 -29.66 24.21
N PHE D 60 4.29 -28.70 24.71
CA PHE D 60 4.17 -28.43 26.13
C PHE D 60 2.74 -28.73 26.55
N ASN D 61 2.56 -29.00 27.84
CA ASN D 61 1.22 -29.22 28.38
C ASN D 61 0.96 -28.11 29.38
N PHE D 62 -0.07 -27.30 29.11
CA PHE D 62 -0.33 -26.14 29.94
C PHE D 62 -1.37 -26.40 31.04
N THR D 63 -1.70 -27.67 31.28
CA THR D 63 -2.67 -27.99 32.33
C THR D 63 -2.25 -27.40 33.67
N GLY D 64 -0.98 -27.59 34.06
CA GLY D 64 -0.50 -27.02 35.31
C GLY D 64 -0.62 -25.52 35.36
N ASP D 65 -0.34 -24.85 34.22
CA ASP D 65 -0.43 -23.39 34.18
C ASP D 65 -1.85 -22.92 34.40
N ILE D 66 -2.82 -23.60 33.76
CA ILE D 66 -4.22 -23.25 33.94
C ILE D 66 -4.61 -23.42 35.41
N GLN D 67 -4.17 -24.52 36.03
CA GLN D 67 -4.48 -24.70 37.45
C GLN D 67 -3.78 -23.65 38.32
N ASP D 68 -2.53 -23.31 37.99
CA ASP D 68 -1.84 -22.25 38.71
C ASP D 68 -2.62 -20.95 38.64
N PHE D 69 -3.10 -20.62 37.43
CA PHE D 69 -3.84 -19.38 37.24
C PHE D 69 -5.14 -19.39 38.04
N ARG D 70 -5.78 -20.55 38.18
CA ARG D 70 -7.06 -20.62 38.87
C ARG D 70 -6.89 -20.56 40.39
N THR D 71 -5.98 -21.35 40.96
CA THR D 71 -5.96 -21.53 42.41
C THR D 71 -4.62 -21.39 43.11
N HIS D 72 -3.55 -20.99 42.42
CA HIS D 72 -2.24 -20.97 43.07
C HIS D 72 -1.63 -19.58 43.13
N ILE D 73 -2.37 -18.53 42.79
CA ILE D 73 -1.84 -17.18 42.77
C ILE D 73 -2.80 -16.22 43.46
N SER D 74 -2.24 -15.11 43.93
CA SER D 74 -3.00 -14.03 44.54
C SER D 74 -3.72 -13.19 43.48
N ASP D 75 -4.64 -12.35 43.93
CA ASP D 75 -5.33 -11.43 43.03
C ASP D 75 -4.32 -10.48 42.37
N VAL D 76 -3.36 -9.98 43.15
CA VAL D 76 -2.30 -9.12 42.62
C VAL D 76 -1.54 -9.84 41.52
N GLU D 77 -1.16 -11.10 41.78
CA GLU D 77 -0.40 -11.86 40.78
C GLU D 77 -1.25 -12.15 39.54
N ARG D 78 -2.54 -12.41 39.72
CA ARG D 78 -3.40 -12.67 38.58
C ARG D 78 -3.54 -11.43 37.69
N ALA D 79 -3.63 -10.25 38.30
CA ALA D 79 -3.69 -9.02 37.52
C ALA D 79 -2.41 -8.84 36.72
N VAL D 80 -1.26 -9.10 37.35
CA VAL D 80 0.02 -8.99 36.63
C VAL D 80 0.07 -9.96 35.47
N ILE D 81 -0.29 -11.24 35.70
CA ILE D 81 -0.20 -12.24 34.65
C ILE D 81 -1.16 -11.91 33.52
N THR D 82 -2.37 -11.48 33.87
CA THR D 82 -3.36 -11.10 32.86
C THR D 82 -2.81 -10.02 31.93
N LYS D 83 -2.30 -8.92 32.49
CA LYS D 83 -1.83 -7.83 31.64
C LYS D 83 -0.52 -8.19 30.93
N THR D 84 0.35 -8.98 31.57
CA THR D 84 1.58 -9.39 30.92
C THR D 84 1.30 -10.26 29.69
N MET D 85 0.36 -11.20 29.82
CA MET D 85 0.01 -12.05 28.70
C MET D 85 -0.73 -11.27 27.61
N LEU D 86 -1.55 -10.28 27.99
CA LEU D 86 -2.17 -9.43 26.97
C LEU D 86 -1.10 -8.63 26.21
N ALA D 87 -0.09 -8.14 26.91
CA ALA D 87 0.97 -7.37 26.26
C ALA D 87 1.80 -8.25 25.33
N ILE D 88 2.15 -9.48 25.74
CA ILE D 88 2.87 -10.37 24.84
C ILE D 88 2.03 -10.61 23.59
N SER D 89 0.76 -10.93 23.81
CA SER D 89 -0.10 -11.32 22.70
C SER D 89 -0.37 -10.15 21.76
N GLN D 90 -0.33 -8.92 22.28
CA GLN D 90 -0.59 -7.78 21.40
C GLN D 90 0.44 -7.70 20.28
N ILE D 91 1.66 -8.21 20.50
CA ILE D 91 2.62 -8.36 19.41
C ILE D 91 2.53 -9.75 18.77
N GLU D 92 2.48 -10.81 19.60
CA GLU D 92 2.61 -12.13 19.00
C GLU D 92 1.35 -12.58 18.27
N VAL D 93 0.17 -12.17 18.74
CA VAL D 93 -1.08 -12.57 18.09
C VAL D 93 -1.42 -11.47 17.09
N SER D 94 -0.75 -11.52 15.95
CA SER D 94 -0.89 -10.52 14.89
C SER D 94 -0.33 -11.13 13.63
N VAL D 95 -0.56 -10.44 12.51
CA VAL D 95 0.06 -10.81 11.24
C VAL D 95 1.40 -10.09 11.17
N LYS D 96 2.48 -10.87 11.10
CA LYS D 96 3.86 -10.35 11.14
C LYS D 96 4.55 -10.75 9.84
N ARG D 97 4.71 -9.80 8.92
CA ARG D 97 5.26 -10.13 7.62
C ARG D 97 6.58 -9.45 7.32
N PHE D 98 7.17 -8.71 8.26
CA PHE D 98 8.40 -7.98 7.94
C PHE D 98 9.50 -8.92 7.44
N TRP D 99 9.78 -10.00 8.17
CA TRP D 99 10.87 -10.87 7.73
C TRP D 99 10.53 -11.58 6.44
N GLY D 100 9.26 -11.98 6.27
CA GLY D 100 8.87 -12.61 5.01
C GLY D 100 9.00 -11.69 3.82
N ASN D 101 8.86 -10.39 4.04
CA ASN D 101 8.94 -9.41 2.97
C ASN D 101 10.34 -8.88 2.74
N LEU D 102 11.33 -9.33 3.53
CA LEU D 102 12.65 -8.71 3.44
C LEU D 102 13.27 -8.89 2.06
N TYR D 103 12.99 -10.04 1.41
CA TYR D 103 13.51 -10.31 0.06
C TYR D 103 13.10 -9.24 -0.94
N ASN D 104 11.97 -8.57 -0.73
CA ASN D 104 11.58 -7.50 -1.66
C ASN D 104 12.59 -6.37 -1.67
N TYR D 105 13.30 -6.18 -0.57
CA TYR D 105 14.31 -5.13 -0.44
C TYR D 105 15.71 -5.64 -0.71
N PHE D 106 16.03 -6.83 -0.22
CA PHE D 106 17.32 -7.48 -0.40
C PHE D 106 17.05 -8.77 -1.17
N PRO D 107 16.96 -8.72 -2.50
CA PRO D 107 16.47 -9.87 -3.28
C PRO D 107 17.54 -10.91 -3.54
N LYS D 108 17.98 -11.56 -2.46
CA LYS D 108 18.93 -12.64 -2.47
C LYS D 108 18.27 -13.94 -2.04
N PRO D 109 18.56 -15.04 -2.74
CA PRO D 109 18.08 -16.36 -2.28
C PRO D 109 18.35 -16.62 -0.81
N GLU D 110 19.54 -16.29 -0.32
CA GLU D 110 19.84 -16.56 1.07
C GLU D 110 19.04 -15.66 2.02
N ILE D 111 18.60 -14.49 1.56
CA ILE D 111 17.75 -13.63 2.40
C ILE D 111 16.38 -14.24 2.54
N GLU D 112 15.83 -14.75 1.44
CA GLU D 112 14.53 -15.43 1.49
C GLU D 112 14.59 -16.66 2.38
N ASP D 113 15.70 -17.41 2.33
CA ASP D 113 15.84 -18.59 3.17
C ASP D 113 15.67 -18.24 4.64
N VAL D 114 16.34 -17.18 5.09
CA VAL D 114 16.21 -16.76 6.48
C VAL D 114 14.86 -16.11 6.72
N GLY D 115 14.50 -15.12 5.89
CA GLY D 115 13.28 -14.36 6.12
C GLY D 115 12.03 -15.23 6.09
N GLY D 116 11.95 -16.15 5.13
CA GLY D 116 10.80 -17.05 5.09
C GLY D 116 10.75 -18.00 6.26
N SER D 117 11.92 -18.47 6.73
CA SER D 117 11.94 -19.32 7.91
C SER D 117 11.56 -18.52 9.16
N PHE D 118 12.00 -17.26 9.24
CA PHE D 118 11.60 -16.39 10.36
C PHE D 118 10.09 -16.14 10.33
N LEU D 119 9.54 -15.87 9.14
CA LEU D 119 8.10 -15.66 9.06
C LEU D 119 7.34 -16.85 9.62
N GLU D 120 7.76 -18.07 9.25
CA GLU D 120 7.06 -19.25 9.75
C GLU D 120 7.19 -19.35 11.28
N SER D 121 8.36 -18.97 11.82
CA SER D 121 8.51 -18.99 13.27
C SER D 121 7.50 -18.05 13.94
N GLU D 122 7.17 -16.92 13.30
CA GLU D 122 6.19 -16.02 13.87
C GLU D 122 4.78 -16.59 13.83
N ILE D 123 4.49 -17.46 12.85
CA ILE D 123 3.19 -18.15 12.85
C ILE D 123 3.10 -19.10 14.03
N ARG D 124 4.19 -19.82 14.31
CA ARG D 124 4.22 -20.69 15.48
C ARG D 124 4.05 -19.91 16.76
N HIS D 125 4.68 -18.73 16.87
CA HIS D 125 4.48 -17.91 18.06
C HIS D 125 3.02 -17.48 18.18
N LYS D 126 2.42 -17.00 17.09
CA LYS D 126 1.03 -16.57 17.15
C LYS D 126 0.13 -17.68 17.66
N ASP D 127 0.33 -18.90 17.16
CA ASP D 127 -0.52 -20.01 17.60
C ASP D 127 -0.33 -20.31 19.08
N ALA D 128 0.91 -20.19 19.57
CA ALA D 128 1.17 -20.45 20.99
C ALA D 128 0.43 -19.46 21.87
N TYR D 129 0.54 -18.16 21.58
CA TYR D 129 -0.08 -17.19 22.47
C TYR D 129 -1.58 -17.09 22.24
N SER D 130 -2.06 -17.39 21.03
CA SER D 130 -3.49 -17.47 20.80
C SER D 130 -4.11 -18.58 21.63
N PHE D 131 -3.45 -19.75 21.66
CA PHE D 131 -3.88 -20.86 22.51
C PHE D 131 -3.91 -20.46 23.98
N LEU D 132 -2.85 -19.78 24.45
CA LEU D 132 -2.80 -19.39 25.86
C LEU D 132 -3.87 -18.36 26.20
N LEU D 133 -4.15 -17.40 25.31
CA LEU D 133 -5.25 -16.47 25.56
C LEU D 133 -6.55 -17.22 25.79
N GLU D 134 -6.81 -18.25 24.98
CA GLU D 134 -8.06 -19.00 25.13
C GLU D 134 -8.06 -19.79 26.43
N LYS D 135 -6.94 -20.46 26.74
CA LYS D 135 -6.92 -21.32 27.93
C LYS D 135 -6.96 -20.51 29.22
N LEU D 136 -6.47 -19.28 29.21
CA LEU D 136 -6.52 -18.42 30.38
C LEU D 136 -7.78 -17.57 30.44
N GLY D 137 -8.69 -17.72 29.47
CA GLY D 137 -9.93 -16.96 29.48
C GLY D 137 -9.78 -15.49 29.16
N LEU D 138 -8.81 -15.13 28.31
CA LEU D 138 -8.49 -13.73 28.06
C LEU D 138 -8.91 -13.23 26.68
N ASN D 139 -9.69 -14.02 25.92
CA ASN D 139 -10.02 -13.60 24.55
C ASN D 139 -10.81 -12.30 24.54
N GLU D 140 -11.77 -12.14 25.45
CA GLU D 140 -12.57 -10.92 25.41
C GLU D 140 -11.74 -9.71 25.80
N MET D 141 -10.89 -9.84 26.81
CA MET D 141 -9.98 -8.74 27.14
C MET D 141 -9.05 -8.42 25.98
N PHE D 142 -8.59 -9.44 25.26
CA PHE D 142 -7.68 -9.21 24.14
C PHE D 142 -8.38 -8.51 22.99
N ARG D 143 -9.66 -8.81 22.76
CA ARG D 143 -10.40 -8.11 21.72
C ARG D 143 -10.37 -6.61 21.91
N ASN D 144 -10.27 -6.15 23.15
CA ASN D 144 -10.26 -4.72 23.45
C ASN D 144 -8.87 -4.23 23.88
N VAL D 145 -7.81 -4.98 23.53
CA VAL D 145 -6.50 -4.64 24.08
C VAL D 145 -6.01 -3.30 23.56
N ARG D 146 -6.41 -2.92 22.33
CA ARG D 146 -5.93 -1.65 21.79
C ARG D 146 -6.53 -0.43 22.49
N GLN D 147 -7.42 -0.64 23.46
CA GLN D 147 -8.02 0.44 24.24
C GLN D 147 -7.18 0.87 25.43
N TYR D 148 -6.22 0.05 25.86
CA TYR D 148 -5.39 0.42 27.00
C TYR D 148 -4.37 1.47 26.58
N LYS D 149 -4.26 2.54 27.37
CA LYS D 149 -3.40 3.66 26.99
C LYS D 149 -1.96 3.23 26.79
N ALA D 150 -1.46 2.31 27.63
CA ALA D 150 -0.08 1.87 27.51
C ALA D 150 0.12 1.07 26.22
N ILE D 151 -0.89 0.31 25.82
CA ILE D 151 -0.82 -0.45 24.57
C ILE D 151 -0.83 0.49 23.38
N MET D 152 -1.67 1.53 23.43
CA MET D 152 -1.64 2.57 22.39
C MET D 152 -0.25 3.19 22.27
N ALA D 153 0.43 3.41 23.40
CA ALA D 153 1.77 3.99 23.35
C ALA D 153 2.72 3.10 22.57
N ARG D 154 2.60 1.79 22.74
CA ARG D 154 3.46 0.88 21.99
C ARG D 154 3.09 0.89 20.51
N ILE D 155 1.80 0.85 20.21
CA ILE D 155 1.35 0.88 18.81
C ILE D 155 1.93 2.11 18.12
N GLU D 156 1.90 3.26 18.80
CA GLU D 156 2.43 4.50 18.19
C GLU D 156 3.90 4.36 17.78
N TYR D 157 4.76 3.88 18.68
CA TYR D 157 6.17 3.82 18.27
C TYR D 157 6.42 2.72 17.25
N MET D 158 5.68 1.60 17.32
CA MET D 158 5.91 0.57 16.32
C MET D 158 5.47 1.03 14.94
N GLU D 159 4.41 1.82 14.85
CA GLU D 159 4.05 2.43 13.57
C GLU D 159 5.12 3.43 13.13
N ALA D 160 5.65 4.22 14.06
CA ALA D 160 6.70 5.18 13.71
C ALA D 160 7.93 4.49 13.15
N PHE D 161 8.29 3.33 13.71
CA PHE D 161 9.47 2.61 13.21
C PHE D 161 9.33 2.25 11.75
N MET D 162 8.10 1.99 11.30
CA MET D 162 7.82 1.44 9.98
C MET D 162 7.36 2.48 8.98
N ARG D 163 7.15 3.72 9.41
CA ARG D 163 6.36 4.67 8.63
C ARG D 163 7.00 4.98 7.28
N LYS D 164 8.33 5.13 7.25
CA LYS D 164 9.00 5.53 6.02
C LYS D 164 9.72 4.37 5.35
N LYS D 165 9.38 3.12 5.68
CA LYS D 165 10.20 2.02 5.23
C LYS D 165 10.25 1.87 3.72
N ASP D 166 9.23 2.37 3.00
CA ASP D 166 9.23 2.27 1.54
C ASP D 166 9.57 3.58 0.85
N VAL D 167 10.11 4.56 1.59
CA VAL D 167 10.38 5.88 1.01
C VAL D 167 11.72 5.90 0.28
N SER D 168 12.73 5.24 0.84
CA SER D 168 14.08 5.24 0.27
C SER D 168 14.88 4.11 0.88
N GLN D 169 16.04 3.84 0.28
CA GLN D 169 16.95 2.84 0.84
C GLN D 169 17.37 3.21 2.25
N GLN D 170 17.70 4.49 2.47
CA GLN D 170 18.14 4.91 3.80
C GLN D 170 17.02 4.74 4.82
N ASP D 171 15.80 5.11 4.45
CA ASP D 171 14.65 4.98 5.34
C ASP D 171 14.32 3.51 5.58
N PHE D 172 14.48 2.64 4.58
CA PHE D 172 14.25 1.23 4.83
C PHE D 172 15.26 0.68 5.83
N VAL D 173 16.53 1.06 5.66
CA VAL D 173 17.56 0.56 6.58
C VAL D 173 17.29 1.05 7.99
N LEU D 174 16.81 2.29 8.13
CA LEU D 174 16.44 2.76 9.46
C LEU D 174 15.33 1.92 10.06
N SER D 175 14.29 1.61 9.28
CA SER D 175 13.21 0.77 9.77
C SER D 175 13.72 -0.61 10.15
N LEU D 176 14.60 -1.18 9.33
CA LEU D 176 15.17 -2.48 9.61
C LEU D 176 15.94 -2.46 10.92
N VAL D 177 16.73 -1.41 11.13
CA VAL D 177 17.54 -1.30 12.35
C VAL D 177 16.65 -1.16 13.57
N MET D 178 15.64 -0.29 13.50
CA MET D 178 14.76 -0.08 14.66
C MET D 178 14.00 -1.36 14.98
N PHE D 179 13.46 -2.01 13.95
CA PHE D 179 12.74 -3.25 14.16
C PHE D 179 13.62 -4.31 14.81
N SER D 180 14.85 -4.49 14.30
CA SER D 180 15.72 -5.56 14.78
C SER D 180 16.21 -5.30 16.18
N LEU D 181 16.78 -4.13 16.41
CA LEU D 181 17.48 -3.85 17.65
C LEU D 181 16.56 -3.39 18.76
N PHE D 182 15.37 -2.88 18.45
CA PHE D 182 14.51 -2.34 19.49
C PHE D 182 13.16 -3.04 19.59
N VAL D 183 12.58 -3.53 18.50
CA VAL D 183 11.38 -4.36 18.64
C VAL D 183 11.75 -5.79 18.97
N GLU D 184 12.46 -6.46 18.04
CA GLU D 184 12.75 -7.88 18.19
C GLU D 184 13.59 -8.15 19.43
N HIS D 185 14.52 -7.26 19.76
CA HIS D 185 15.35 -7.54 20.91
C HIS D 185 14.85 -6.93 22.22
N ILE D 186 13.77 -6.14 22.22
CA ILE D 186 13.38 -5.52 23.49
C ILE D 186 11.88 -5.52 23.80
N SER D 187 11.00 -5.29 22.80
CA SER D 187 9.61 -4.94 23.11
C SER D 187 8.94 -5.93 24.05
N LEU D 188 9.12 -7.22 23.84
CA LEU D 188 8.46 -8.22 24.66
C LEU D 188 9.29 -8.69 25.85
N PHE D 189 10.52 -8.24 25.98
CA PHE D 189 11.41 -8.92 26.91
C PHE D 189 11.10 -8.61 28.36
N SER D 190 10.52 -7.44 28.66
CA SER D 190 10.09 -7.21 30.04
C SER D 190 9.00 -8.20 30.43
N GLN D 191 8.14 -8.56 29.48
CA GLN D 191 7.07 -9.51 29.77
C GLN D 191 7.61 -10.94 29.85
N PHE D 192 8.59 -11.26 29.01
CA PHE D 192 9.24 -12.57 29.08
C PHE D 192 9.87 -12.78 30.45
N VAL D 193 10.55 -11.76 30.97
CA VAL D 193 11.20 -11.85 32.28
C VAL D 193 10.15 -12.03 33.38
N ILE D 194 9.08 -11.25 33.34
CA ILE D 194 8.02 -11.39 34.33
C ILE D 194 7.49 -12.82 34.35
N MET D 195 7.14 -13.35 33.17
CA MET D 195 6.51 -14.66 33.15
C MET D 195 7.46 -15.76 33.61
N MET D 196 8.70 -15.74 33.14
CA MET D 196 9.62 -16.80 33.56
C MET D 196 10.02 -16.64 35.03
N SER D 197 9.86 -15.44 35.60
CA SER D 197 10.19 -15.25 37.01
C SER D 197 9.24 -16.02 37.92
N PHE D 198 8.00 -16.25 37.50
CA PHE D 198 7.10 -17.07 38.30
C PHE D 198 7.63 -18.48 38.48
N ASN D 199 8.22 -19.04 37.43
CA ASN D 199 8.81 -20.38 37.56
C ASN D 199 10.09 -20.33 38.37
N LYS D 200 10.92 -19.31 38.13
CA LYS D 200 12.22 -19.23 38.80
C LYS D 200 12.05 -19.11 40.30
N HIS D 201 11.08 -18.31 40.74
CA HIS D 201 10.95 -17.98 42.16
C HIS D 201 9.90 -18.79 42.87
N LYS D 202 8.87 -19.23 42.17
CA LYS D 202 7.76 -19.92 42.81
C LYS D 202 7.43 -21.29 42.23
N ASN D 203 8.16 -21.73 41.21
CA ASN D 203 7.90 -23.04 40.58
C ASN D 203 6.50 -23.11 39.99
N LEU D 204 5.93 -21.97 39.59
CA LEU D 204 4.63 -21.89 38.96
C LEU D 204 4.79 -21.61 37.47
N PHE D 205 3.72 -21.89 36.72
CA PHE D 205 3.65 -21.59 35.29
C PHE D 205 4.84 -22.19 34.53
N LYS D 206 5.06 -23.48 34.72
CA LYS D 206 6.18 -24.14 34.07
C LYS D 206 5.97 -24.25 32.57
N GLY D 207 4.74 -24.50 32.13
CA GLY D 207 4.48 -24.63 30.71
C GLY D 207 4.64 -23.31 29.99
N ILE D 208 4.08 -22.25 30.57
CA ILE D 208 4.26 -20.94 29.96
C ILE D 208 5.73 -20.52 30.00
N SER D 209 6.43 -20.87 31.08
CA SER D 209 7.87 -20.60 31.14
C SER D 209 8.59 -21.26 29.97
N ASN D 210 8.22 -22.51 29.64
CA ASN D 210 8.84 -23.20 28.51
C ASN D 210 8.52 -22.52 27.19
N ALA D 211 7.27 -22.11 26.99
CA ALA D 211 6.91 -21.42 25.76
C ALA D 211 7.61 -20.06 25.67
N VAL D 212 7.69 -19.35 26.78
CA VAL D 212 8.35 -18.04 26.76
C VAL D 212 9.84 -18.20 26.50
N GLU D 213 10.47 -19.23 27.09
CA GLU D 213 11.88 -19.44 26.82
C GLU D 213 12.12 -19.72 25.35
N ALA D 214 11.28 -20.58 24.75
CA ALA D 214 11.41 -20.90 23.34
C ALA D 214 11.18 -19.68 22.46
N THR D 215 10.19 -18.85 22.82
CA THR D 215 9.94 -17.63 22.07
C THR D 215 11.12 -16.68 22.18
N SER D 216 11.63 -16.50 23.40
CA SER D 216 12.75 -15.59 23.66
C SER D 216 13.96 -15.95 22.80
N LYS D 217 14.29 -17.24 22.75
CA LYS D 217 15.42 -17.70 21.94
C LYS D 217 15.23 -17.36 20.48
N GLU D 218 14.00 -17.47 19.98
CA GLU D 218 13.80 -17.16 18.57
C GLU D 218 13.78 -15.65 18.31
N GLU D 219 13.28 -14.83 19.24
CA GLU D 219 13.38 -13.38 19.05
C GLU D 219 14.83 -12.90 19.13
N GLU D 220 15.65 -13.55 19.96
CA GLU D 220 17.10 -13.27 19.96
C GLU D 220 17.71 -13.52 18.60
N ILE D 221 17.36 -14.66 17.98
CA ILE D 221 17.85 -14.98 16.65
C ILE D 221 17.39 -13.92 15.65
N HIS D 222 16.11 -13.51 15.74
CA HIS D 222 15.59 -12.55 14.79
C HIS D 222 16.36 -11.24 14.85
N GLY D 223 16.54 -10.70 16.06
CA GLY D 223 17.25 -9.44 16.18
C GLY D 223 18.71 -9.54 15.75
N ARG D 224 19.36 -10.67 16.06
CA ARG D 224 20.77 -10.82 15.69
C ARG D 224 20.95 -10.87 14.17
N PHE D 225 19.98 -11.41 13.44
CA PHE D 225 20.01 -11.32 11.98
C PHE D 225 20.05 -9.87 11.54
N GLY D 226 19.20 -9.03 12.14
CA GLY D 226 19.19 -7.62 11.78
C GLY D 226 20.50 -6.93 12.11
N ILE D 227 21.11 -7.32 13.23
CA ILE D 227 22.42 -6.77 13.58
C ILE D 227 23.45 -7.13 12.52
N SER D 228 23.45 -8.39 12.06
CA SER D 228 24.39 -8.78 11.02
C SER D 228 24.14 -8.01 9.73
N LEU D 229 22.88 -7.81 9.37
CA LEU D 229 22.57 -6.98 8.20
C LEU D 229 23.08 -5.56 8.37
N TYR D 230 22.89 -4.98 9.57
CA TYR D 230 23.42 -3.65 9.86
C TYR D 230 24.93 -3.59 9.64
N HIS D 231 25.67 -4.58 10.13
CA HIS D 231 27.13 -4.56 9.95
C HIS D 231 27.51 -4.65 8.48
N LEU D 232 26.80 -5.48 7.71
CA LEU D 232 27.05 -5.56 6.28
C LEU D 232 26.74 -4.25 5.57
N LEU D 233 25.61 -3.62 5.92
CA LEU D 233 25.22 -2.38 5.28
C LEU D 233 26.17 -1.24 5.62
N ARG D 234 26.69 -1.22 6.84
CA ARG D 234 27.71 -0.25 7.22
C ARG D 234 28.93 -0.34 6.31
N GLU D 235 29.34 -1.57 5.95
CA GLU D 235 30.49 -1.76 5.07
C GLU D 235 30.16 -1.44 3.63
N GLU D 236 28.95 -1.78 3.19
CA GLU D 236 28.58 -1.67 1.78
C GLU D 236 28.22 -0.25 1.38
N GLN D 237 27.44 0.45 2.21
CA GLN D 237 26.98 1.80 1.91
C GLN D 237 27.14 2.68 3.15
N PRO D 238 28.38 3.03 3.49
CA PRO D 238 28.60 3.86 4.69
C PRO D 238 27.91 5.21 4.64
N GLU D 239 27.59 5.72 3.44
CA GLU D 239 27.00 7.05 3.38
C GLU D 239 25.52 7.06 3.76
N LEU D 240 24.91 5.90 3.97
CA LEU D 240 23.54 5.90 4.50
C LEU D 240 23.52 6.33 5.96
N PHE D 241 24.61 6.14 6.70
CA PHE D 241 24.58 6.22 8.15
C PHE D 241 25.10 7.58 8.60
N THR D 242 24.28 8.59 8.34
CA THR D 242 24.62 9.98 8.57
C THR D 242 24.25 10.41 9.98
N ASP D 243 24.63 11.64 10.33
CA ASP D 243 24.19 12.24 11.59
C ASP D 243 22.68 12.24 11.71
N GLU D 244 21.98 12.57 10.62
CA GLU D 244 20.52 12.60 10.65
C GLU D 244 19.96 11.21 10.92
N PHE D 245 20.53 10.20 10.27
CA PHE D 245 20.16 8.80 10.51
C PHE D 245 20.21 8.47 12.01
N TYR D 246 21.37 8.69 12.64
CA TYR D 246 21.51 8.30 14.04
C TYR D 246 20.71 9.20 14.96
N ALA D 247 20.54 10.48 14.60
CA ALA D 247 19.72 11.36 15.43
C ALA D 247 18.26 10.90 15.44
N GLU D 248 17.73 10.54 14.27
CA GLU D 248 16.37 10.02 14.18
C GLU D 248 16.26 8.71 14.97
N LEU D 249 17.26 7.83 14.82
CA LEU D 249 17.27 6.57 15.56
C LEU D 249 17.20 6.80 17.06
N LYS D 250 18.00 7.74 17.58
CA LYS D 250 18.00 7.98 19.02
C LYS D 250 16.64 8.47 19.49
N GLU D 251 16.00 9.34 18.72
CA GLU D 251 14.69 9.83 19.10
C GLU D 251 13.66 8.71 19.13
N LEU D 252 13.68 7.84 18.11
CA LEU D 252 12.74 6.73 18.05
C LEU D 252 12.98 5.74 19.20
N ALA D 253 14.24 5.50 19.53
CA ALA D 253 14.55 4.57 20.61
C ALA D 253 14.07 5.11 21.95
N GLU D 254 14.18 6.42 22.18
CA GLU D 254 13.65 6.98 23.41
C GLU D 254 12.14 6.87 23.47
N GLN D 255 11.46 7.12 22.36
CA GLN D 255 10.01 6.95 22.30
C GLN D 255 9.63 5.51 22.64
N ALA D 256 10.40 4.54 22.14
CA ALA D 256 10.12 3.14 22.44
C ALA D 256 10.27 2.84 23.93
N PHE D 257 11.36 3.29 24.55
CA PHE D 257 11.53 3.00 25.97
C PHE D 257 10.42 3.63 26.80
N ASN D 258 10.06 4.88 26.50
CA ASN D 258 8.98 5.54 27.23
C ASN D 258 7.69 4.72 27.19
N ALA D 259 7.39 4.14 26.02
CA ALA D 259 6.18 3.35 25.89
C ALA D 259 6.29 2.03 26.63
N GLU D 260 7.45 1.39 26.56
CA GLU D 260 7.58 0.11 27.27
C GLU D 260 7.60 0.33 28.78
N LYS D 261 8.12 1.47 29.23
CA LYS D 261 7.97 1.82 30.64
C LYS D 261 6.50 2.01 31.00
N ALA D 262 5.72 2.60 30.10
CA ALA D 262 4.29 2.76 30.37
C ALA D 262 3.59 1.41 30.46
N ILE D 263 3.99 0.46 29.61
CA ILE D 263 3.45 -0.90 29.68
C ILE D 263 3.72 -1.50 31.05
N LEU D 264 4.93 -1.29 31.60
CA LEU D 264 5.24 -1.84 32.92
C LEU D 264 4.43 -1.14 34.01
N ASP D 265 4.24 0.19 33.92
CA ASP D 265 3.38 0.88 34.88
C ASP D 265 1.98 0.28 34.88
N TRP D 266 1.45 -0.02 33.69
CA TRP D 266 0.12 -0.61 33.59
C TRP D 266 0.09 -2.02 34.16
N ILE D 267 1.07 -2.86 33.81
CA ILE D 267 1.09 -4.25 34.29
C ILE D 267 1.05 -4.29 35.82
N PHE D 268 1.72 -3.35 36.50
CA PHE D 268 1.86 -3.42 37.95
C PHE D 268 0.95 -2.47 38.69
N GLU D 269 0.02 -1.80 38.01
CA GLU D 269 -0.69 -0.72 38.69
C GLU D 269 -1.59 -1.22 39.81
N ASP D 270 -1.94 -2.50 39.83
CA ASP D 270 -2.70 -3.06 40.95
C ASP D 270 -1.82 -3.64 42.05
N GLY D 271 -0.51 -3.51 41.94
CA GLY D 271 0.40 -4.02 42.95
C GLY D 271 1.55 -4.78 42.32
N GLU D 272 2.71 -4.69 42.95
CA GLU D 272 3.91 -5.33 42.45
C GLU D 272 4.05 -6.75 43.01
N LEU D 273 4.91 -7.53 42.37
CA LEU D 273 5.17 -8.90 42.81
C LEU D 273 6.13 -8.90 43.98
N SER D 274 5.94 -9.86 44.89
CA SER D 274 6.83 -9.96 46.04
C SER D 274 8.24 -10.38 45.67
N PHE D 275 8.43 -11.01 44.52
CA PHE D 275 9.70 -11.61 44.15
C PHE D 275 10.38 -10.90 42.99
N LEU D 276 9.78 -9.82 42.47
CA LEU D 276 10.34 -9.12 41.31
C LEU D 276 9.66 -7.77 41.25
N SER D 277 10.43 -6.70 41.49
CA SER D 277 9.86 -5.36 41.51
C SER D 277 9.76 -4.78 40.09
N LYS D 278 8.84 -3.83 39.93
CA LYS D 278 8.75 -3.11 38.66
C LYS D 278 10.07 -2.44 38.30
N ALA D 279 10.74 -1.84 39.29
CA ALA D 279 12.00 -1.16 39.00
C ALA D 279 13.05 -2.13 38.48
N THR D 280 13.05 -3.36 38.99
CA THR D 280 14.03 -4.33 38.52
C THR D 280 13.77 -4.71 37.06
N VAL D 281 12.49 -4.85 36.68
CA VAL D 281 12.19 -5.17 35.28
C VAL D 281 12.52 -3.98 34.39
N GLU D 282 12.16 -2.77 34.82
CA GLU D 282 12.47 -1.57 34.06
C GLU D 282 13.98 -1.43 33.85
N ASN D 283 14.76 -1.74 34.89
CA ASN D 283 16.22 -1.72 34.79
C ASN D 283 16.72 -2.72 33.76
N TYR D 284 16.12 -3.92 33.73
CA TYR D 284 16.52 -4.94 32.79
C TYR D 284 16.34 -4.46 31.34
N ILE D 285 15.19 -3.87 31.01
CA ILE D 285 15.03 -3.45 29.62
C ILE D 285 15.79 -2.17 29.33
N ALA D 286 15.96 -1.27 30.32
CA ALA D 286 16.79 -0.09 30.09
C ALA D 286 18.20 -0.50 29.71
N ASN D 287 18.71 -1.57 30.32
CA ASN D 287 20.03 -2.06 29.96
C ASN D 287 20.07 -2.58 28.53
N ARG D 288 18.97 -3.20 28.08
CA ARG D 288 18.93 -3.67 26.69
C ARG D 288 18.84 -2.50 25.71
N TYR D 289 18.13 -1.41 26.06
CA TYR D 289 18.18 -0.22 25.20
C TYR D 289 19.59 0.32 25.09
N ASN D 290 20.28 0.43 26.22
CA ASN D 290 21.69 0.83 26.21
C ASN D 290 22.51 -0.07 25.30
N ASN D 291 22.34 -1.39 25.43
CA ASN D 291 23.12 -2.33 24.64
C ASN D 291 22.87 -2.14 23.15
N SER D 292 21.61 -1.92 22.76
CA SER D 292 21.33 -1.70 21.34
C SER D 292 21.96 -0.40 20.85
N LEU D 293 21.90 0.64 21.67
CA LEU D 293 22.57 1.89 21.31
C LEU D 293 24.08 1.68 21.14
N VAL D 294 24.70 0.93 22.05
CA VAL D 294 26.14 0.68 21.97
C VAL D 294 26.47 -0.13 20.73
N THR D 295 25.59 -1.06 20.33
CA THR D 295 25.83 -1.83 19.12
C THR D 295 25.93 -0.92 17.89
N LEU D 296 25.20 0.19 17.91
CA LEU D 296 25.22 1.18 16.85
C LEU D 296 26.31 2.22 17.02
N GLY D 297 27.17 2.08 18.02
CA GLY D 297 28.21 3.06 18.28
C GLY D 297 27.77 4.26 19.09
N LEU D 298 26.55 4.27 19.60
CA LEU D 298 26.01 5.43 20.30
C LEU D 298 26.20 5.30 21.81
N GLU D 299 26.10 6.43 22.48
CA GLU D 299 26.29 6.48 23.91
C GLU D 299 25.12 5.82 24.64
N PRO D 300 25.37 4.97 25.64
CA PRO D 300 24.29 4.58 26.55
C PRO D 300 23.75 5.80 27.29
N ILE D 301 22.44 5.81 27.52
CA ILE D 301 21.80 6.97 28.12
C ILE D 301 21.09 6.66 29.42
N TYR D 302 20.80 5.40 29.74
CA TYR D 302 20.08 5.08 30.97
C TYR D 302 21.05 4.65 32.06
N ASN D 303 20.80 5.12 33.27
CA ASN D 303 21.57 4.68 34.41
C ASN D 303 21.03 3.33 34.89
N ILE D 304 21.93 2.36 35.03
CA ILE D 304 21.57 0.97 35.27
C ILE D 304 22.07 0.54 36.65
N SER D 305 21.20 -0.13 37.40
CA SER D 305 21.58 -0.70 38.70
C SER D 305 22.26 -2.05 38.53
N PRO D 306 23.53 -2.19 38.91
CA PRO D 306 24.16 -3.52 38.86
C PRO D 306 23.50 -4.53 39.79
N ALA D 307 22.99 -4.11 40.95
CA ALA D 307 22.35 -5.09 41.85
C ALA D 307 21.09 -5.65 41.23
N GLN D 308 20.30 -4.80 40.57
CA GLN D 308 19.09 -5.29 39.94
C GLN D 308 19.40 -6.16 38.73
N LEU D 309 20.46 -5.84 37.98
CA LEU D 309 20.88 -6.72 36.90
C LEU D 309 21.30 -8.09 37.41
N LYS D 310 21.89 -8.16 38.61
CA LYS D 310 22.21 -9.48 39.15
C LYS D 310 20.95 -10.25 39.51
N GLU D 311 19.88 -9.55 39.90
CA GLU D 311 18.61 -10.23 40.17
C GLU D 311 18.10 -10.96 38.95
N THR D 312 18.26 -10.36 37.78
CA THR D 312 17.65 -10.91 36.57
C THR D 312 18.65 -11.60 35.64
N GLU D 313 19.93 -11.69 36.01
CA GLU D 313 20.90 -12.25 35.08
C GLU D 313 20.67 -13.72 34.77
N TRP D 314 20.01 -14.46 35.67
CA TRP D 314 19.65 -15.84 35.38
C TRP D 314 18.90 -15.96 34.07
N PHE D 315 18.07 -14.96 33.74
CA PHE D 315 17.27 -15.01 32.51
C PHE D 315 18.18 -14.96 31.28
N ASP D 316 19.14 -14.02 31.26
CA ASP D 316 20.07 -13.97 30.14
C ASP D 316 20.87 -15.25 30.02
N ILE D 317 21.29 -15.81 31.16
CA ILE D 317 22.06 -17.04 31.13
C ILE D 317 21.22 -18.18 30.57
N GLU D 318 19.94 -18.24 30.96
CA GLU D 318 19.06 -19.32 30.51
C GLU D 318 18.76 -19.20 29.01
N ILE D 319 18.48 -17.99 28.54
CA ILE D 319 18.09 -17.80 27.14
C ILE D 319 19.27 -18.05 26.21
N LEU D 320 20.48 -17.67 26.64
CA LEU D 320 21.66 -17.73 25.79
C LEU D 320 22.52 -18.96 26.05
N SER D 321 21.97 -19.98 26.71
CA SER D 321 22.65 -21.25 26.86
C SER D 321 21.64 -22.40 26.89
MN MN E . -6.60 27.95 2.96
MN MN F . -6.12 25.04 5.40
MG MG G . 11.39 26.17 8.63
C1 EDO H . -9.39 23.94 -24.92
O1 EDO H . -9.62 24.46 -23.60
C2 EDO H . -7.90 23.95 -25.27
O2 EDO H . -7.37 25.28 -25.43
C FMT I . -11.74 19.97 1.44
O1 FMT I . -11.27 20.21 2.55
O2 FMT I . -12.85 19.47 1.24
MN MN J . -9.09 11.44 -15.61
MN MN K . -6.05 13.15 -17.56
MG MG L . 6.83 1.27 -14.89
C FMT M . 10.41 20.31 -32.57
O1 FMT M . 11.28 19.99 -33.38
O2 FMT M . 10.19 21.48 -32.23
C FMT N . -29.03 14.91 -10.61
O1 FMT N . -29.11 15.13 -9.40
O2 FMT N . -29.29 15.74 -11.48
MN MN O . 4.68 -26.76 -3.50
MN MN P . 8.22 -28.22 -3.40
MG MG Q . 4.90 -44.16 3.84
C1 EDO R . -5.24 -9.41 16.59
O1 EDO R . -6.63 -9.63 16.36
C2 EDO R . -4.75 -8.33 15.63
O2 EDO R . -4.55 -8.91 14.34
MN MN S . 7.44 -13.67 17.89
MN MN T . 10.44 -12.04 15.78
MG MG U . 16.64 -23.93 29.18
C1 EDO V . 10.56 5.42 9.77
O1 EDO V . 10.64 6.72 10.35
C2 EDO V . 11.96 5.00 9.33
O2 EDO V . 11.87 4.32 8.07
#